data_7CZB
#
_entry.id   7CZB
#
_cell.length_a   1.00
_cell.length_b   1.00
_cell.length_c   1.00
_cell.angle_alpha   90.00
_cell.angle_beta   90.00
_cell.angle_gamma   90.00
#
_symmetry.space_group_name_H-M   'P 1'
#
_entity_poly.entity_id   1
_entity_poly.type   'polypeptide(L)'
_entity_poly.pdbx_seq_one_letter_code
;MSDIGDWFRSIPAITRYWFAATVAVPLVGKLGLISPAYLFLWPEAFLYRFQIWRPITATFYFPVGPGTGFLYLVNLYFLY
QYSTRLETGAFDGRPADYLFMLLFNWICIVITGLAMDMQLLMIPLIMSVLYVWAQLNRDMIVSFWFGTRFKACYLPWVIL
GFNYIIGGSVINELIGNLVGHLYFFLMFRYPMDLGGRNFLSTPQFLYRWLPSRRGGVSGFGVPPASMRRAADQNGGGGRH
NWGQGFRLGDQ
;
_entity_poly.pdbx_strand_id   A,B,C,D
#
# COMPACT_ATOMS: atom_id res chain seq x y z
N PHE A 8 17.77 21.77 -13.35
CA PHE A 8 17.74 22.54 -14.58
C PHE A 8 18.71 21.96 -15.60
N ARG A 9 18.23 21.78 -16.83
CA ARG A 9 19.06 21.27 -17.90
C ARG A 9 19.87 22.38 -18.56
N SER A 10 20.71 23.05 -17.76
CA SER A 10 21.57 24.12 -18.25
C SER A 10 22.98 23.63 -18.51
N ILE A 11 23.11 22.41 -19.02
CA ILE A 11 24.30 21.59 -19.24
C ILE A 11 25.26 21.68 -18.05
N PRO A 12 24.91 21.07 -16.91
CA PRO A 12 25.74 21.23 -15.71
C PRO A 12 27.06 20.48 -15.79
N ALA A 13 27.12 19.39 -16.56
CA ALA A 13 28.36 18.69 -16.84
C ALA A 13 28.32 18.27 -18.30
N ILE A 14 29.44 17.77 -18.80
CA ILE A 14 29.59 17.55 -20.24
C ILE A 14 28.90 16.27 -20.69
N THR A 15 28.62 15.35 -19.78
CA THR A 15 28.10 14.04 -20.13
C THR A 15 26.74 13.73 -19.50
N ARG A 16 25.79 14.67 -19.52
CA ARG A 16 24.47 14.42 -18.96
C ARG A 16 23.50 13.82 -19.96
N TYR A 17 23.98 13.46 -21.15
CA TYR A 17 23.18 12.66 -22.08
C TYR A 17 22.93 11.26 -21.53
N TRP A 18 23.84 10.77 -20.68
CA TRP A 18 23.61 9.55 -19.92
C TRP A 18 22.36 9.66 -19.05
N PHE A 19 22.24 10.77 -18.32
CA PHE A 19 21.08 11.00 -17.47
C PHE A 19 19.82 11.17 -18.29
N ALA A 20 19.92 11.89 -19.42
CA ALA A 20 18.77 12.10 -20.29
C ALA A 20 18.29 10.79 -20.90
N ALA A 21 19.21 9.91 -21.29
CA ALA A 21 18.83 8.65 -21.90
C ALA A 21 18.27 7.69 -20.88
N THR A 22 18.86 7.65 -19.67
CA THR A 22 18.36 6.73 -18.65
C THR A 22 17.05 7.22 -18.03
N VAL A 23 16.68 8.49 -18.25
CA VAL A 23 15.28 8.88 -18.02
C VAL A 23 14.39 8.52 -19.20
N ALA A 24 14.84 8.79 -20.43
CA ALA A 24 14.01 8.70 -21.64
C ALA A 24 13.60 7.27 -22.02
N VAL A 25 14.57 6.37 -22.13
CA VAL A 25 14.35 4.99 -22.58
C VAL A 25 13.34 4.20 -21.71
N PRO A 26 13.31 4.35 -20.37
CA PRO A 26 12.18 3.73 -19.63
C PRO A 26 10.82 4.29 -19.98
N LEU A 27 10.71 5.53 -20.45
CA LEU A 27 9.41 6.00 -20.94
C LEU A 27 9.05 5.35 -22.27
N VAL A 28 10.05 5.01 -23.09
CA VAL A 28 9.79 4.24 -24.30
C VAL A 28 9.34 2.82 -23.95
N GLY A 29 9.92 2.26 -22.89
CA GLY A 29 9.50 0.97 -22.38
C GLY A 29 8.09 0.94 -21.84
N LYS A 30 7.79 1.81 -20.87
CA LYS A 30 6.47 1.84 -20.25
C LYS A 30 5.42 2.45 -21.15
N LEU A 31 5.82 3.14 -22.21
CA LEU A 31 4.82 3.72 -23.12
C LEU A 31 4.15 2.65 -23.97
N GLY A 32 4.93 1.70 -24.48
CA GLY A 32 4.38 0.66 -25.32
C GLY A 32 4.74 0.74 -26.78
N LEU A 33 5.93 1.23 -27.12
CA LEU A 33 6.37 1.23 -28.51
C LEU A 33 7.10 -0.05 -28.85
N ILE A 34 8.11 -0.40 -28.05
CA ILE A 34 8.85 -1.65 -28.21
C ILE A 34 8.58 -2.49 -26.97
N SER A 35 8.42 -3.80 -27.17
CA SER A 35 8.12 -4.69 -26.06
C SER A 35 9.33 -4.79 -25.14
N PRO A 36 9.13 -4.86 -23.82
CA PRO A 36 10.28 -4.95 -22.90
C PRO A 36 11.03 -6.27 -22.96
N ALA A 37 10.41 -7.32 -23.53
CA ALA A 37 11.11 -8.59 -23.71
C ALA A 37 12.24 -8.50 -24.72
N TYR A 38 12.19 -7.52 -25.63
CA TYR A 38 13.27 -7.30 -26.57
C TYR A 38 14.49 -6.65 -25.94
N LEU A 39 14.37 -6.15 -24.70
CA LEU A 39 15.47 -5.46 -24.02
C LEU A 39 15.65 -6.11 -22.64
N PHE A 40 16.38 -7.23 -22.61
CA PHE A 40 16.66 -7.95 -21.37
C PHE A 40 18.09 -8.40 -21.21
N LEU A 41 18.89 -8.46 -22.29
CA LEU A 41 20.19 -9.13 -22.36
C LEU A 41 20.05 -10.58 -21.88
N TRP A 42 19.34 -11.35 -22.68
CA TRP A 42 19.34 -12.80 -22.51
C TRP A 42 20.72 -13.30 -22.94
N PRO A 43 21.51 -13.82 -22.01
CA PRO A 43 22.93 -14.11 -22.34
C PRO A 43 23.11 -15.29 -23.27
N GLU A 44 22.32 -16.35 -23.09
CA GLU A 44 22.44 -17.49 -23.99
C GLU A 44 21.84 -17.18 -25.36
N ALA A 45 20.89 -16.26 -25.41
CA ALA A 45 20.41 -15.78 -26.70
C ALA A 45 21.40 -14.81 -27.35
N PHE A 46 22.23 -14.15 -26.55
CA PHE A 46 23.36 -13.40 -27.05
C PHE A 46 24.51 -14.31 -27.46
N LEU A 47 24.51 -15.57 -27.00
CA LEU A 47 25.58 -16.51 -27.31
C LEU A 47 25.42 -17.10 -28.70
N TYR A 48 24.31 -17.80 -28.95
CA TYR A 48 24.08 -18.42 -30.24
C TYR A 48 23.81 -17.37 -31.31
N ARG A 49 22.72 -16.62 -31.15
CA ARG A 49 22.41 -15.54 -32.07
C ARG A 49 23.39 -14.39 -31.88
N PHE A 50 23.51 -13.55 -32.91
CA PHE A 50 24.42 -12.41 -32.81
C PHE A 50 23.83 -11.33 -31.91
N GLN A 51 22.73 -10.71 -32.36
CA GLN A 51 21.80 -9.89 -31.57
C GLN A 51 22.51 -8.78 -30.80
N ILE A 52 23.08 -7.84 -31.56
CA ILE A 52 23.91 -6.79 -30.98
C ILE A 52 22.99 -5.59 -30.70
N TRP A 53 21.68 -5.80 -30.83
CA TRP A 53 20.70 -4.88 -30.29
C TRP A 53 20.78 -4.75 -28.79
N ARG A 54 21.11 -5.82 -28.06
CA ARG A 54 20.99 -5.75 -26.61
C ARG A 54 22.22 -6.04 -25.75
N PRO A 55 23.44 -5.50 -26.01
CA PRO A 55 24.37 -5.33 -24.89
C PRO A 55 24.38 -3.91 -24.37
N ILE A 56 23.72 -3.00 -25.08
CA ILE A 56 23.89 -1.57 -24.83
C ILE A 56 22.56 -0.99 -24.33
N THR A 57 21.46 -1.54 -24.82
CA THR A 57 20.16 -1.05 -24.37
C THR A 57 19.79 -1.64 -23.02
N ALA A 58 20.46 -2.71 -22.62
CA ALA A 58 20.22 -3.31 -21.32
C ALA A 58 20.72 -2.44 -20.17
N THR A 59 21.77 -1.66 -20.38
CA THR A 59 22.26 -0.76 -19.34
C THR A 59 21.63 0.62 -19.42
N PHE A 60 20.54 0.77 -20.17
CA PHE A 60 19.81 2.02 -20.26
C PHE A 60 18.34 1.80 -19.96
N TYR A 61 18.04 0.85 -19.08
CA TYR A 61 16.66 0.43 -18.89
C TYR A 61 16.43 0.05 -17.44
N PHE A 62 15.19 0.28 -16.99
CA PHE A 62 14.72 -0.16 -15.69
C PHE A 62 13.20 -0.25 -15.72
N PRO A 63 12.62 -1.41 -15.40
CA PRO A 63 11.16 -1.60 -15.55
C PRO A 63 10.37 -1.02 -14.38
N VAL A 64 10.12 0.28 -14.46
CA VAL A 64 9.37 0.96 -13.41
C VAL A 64 7.91 0.54 -13.48
N GLY A 65 7.24 0.54 -12.32
CA GLY A 65 5.86 0.16 -12.28
C GLY A 65 5.36 -0.14 -10.87
N PRO A 66 4.64 -1.25 -10.73
CA PRO A 66 3.96 -1.57 -9.45
C PRO A 66 4.86 -2.24 -8.42
N GLY A 67 5.63 -1.43 -7.70
CA GLY A 67 6.40 -1.94 -6.59
C GLY A 67 7.87 -1.58 -6.62
N THR A 68 8.47 -1.61 -7.81
CA THR A 68 9.86 -1.23 -8.00
C THR A 68 9.89 0.22 -8.49
N GLY A 69 9.35 1.13 -7.69
CA GLY A 69 9.27 2.52 -8.09
C GLY A 69 10.13 3.44 -7.28
N PHE A 70 10.32 3.14 -5.99
CA PHE A 70 11.18 3.98 -5.16
C PHE A 70 12.65 3.69 -5.44
N LEU A 71 12.95 2.46 -5.86
CA LEU A 71 14.33 2.07 -6.14
C LEU A 71 14.88 2.84 -7.32
N TYR A 72 14.06 3.02 -8.36
CA TYR A 72 14.44 3.80 -9.53
C TYR A 72 14.74 5.25 -9.16
N LEU A 73 13.88 5.85 -8.34
CA LEU A 73 14.04 7.25 -7.97
C LEU A 73 15.29 7.45 -7.10
N VAL A 74 15.52 6.53 -6.16
CA VAL A 74 16.67 6.67 -5.27
C VAL A 74 17.98 6.44 -6.04
N ASN A 75 18.03 5.43 -6.91
CA ASN A 75 19.25 5.16 -7.64
C ASN A 75 19.54 6.24 -8.68
N LEU A 76 18.50 6.78 -9.32
CA LEU A 76 18.70 7.86 -10.27
C LEU A 76 19.14 9.14 -9.57
N TYR A 77 18.60 9.40 -8.38
CA TYR A 77 19.03 10.54 -7.59
C TYR A 77 20.50 10.41 -7.18
N PHE A 78 20.92 9.20 -6.80
CA PHE A 78 22.32 9.00 -6.42
C PHE A 78 23.25 9.14 -7.62
N LEU A 79 22.81 8.67 -8.80
CA LEU A 79 23.57 8.82 -10.03
C LEU A 79 23.82 10.29 -10.36
N TYR A 80 22.75 11.09 -10.40
CA TYR A 80 22.91 12.51 -10.69
C TYR A 80 23.67 13.22 -9.58
N GLN A 81 23.46 12.82 -8.32
CA GLN A 81 24.05 13.54 -7.20
C GLN A 81 25.54 13.28 -7.08
N TYR A 82 26.02 12.14 -7.58
CA TYR A 82 27.45 11.86 -7.40
C TYR A 82 28.25 11.85 -8.69
N SER A 83 27.64 11.79 -9.88
CA SER A 83 28.41 11.84 -11.11
C SER A 83 29.04 13.20 -11.32
N THR A 84 28.26 14.28 -11.19
CA THR A 84 28.80 15.61 -11.40
C THR A 84 29.71 16.03 -10.25
N ARG A 85 29.55 15.42 -9.07
CA ARG A 85 30.46 15.72 -7.98
C ARG A 85 31.77 14.97 -8.13
N LEU A 86 31.74 13.81 -8.79
CA LEU A 86 32.98 13.18 -9.22
C LEU A 86 33.65 14.03 -10.29
N GLU A 87 32.84 14.65 -11.16
CA GLU A 87 33.40 15.46 -12.23
C GLU A 87 34.05 16.73 -11.69
N THR A 88 33.45 17.35 -10.67
CA THR A 88 34.02 18.56 -10.12
C THR A 88 35.18 18.32 -9.17
N GLY A 89 35.29 17.11 -8.61
CA GLY A 89 36.37 16.80 -7.69
C GLY A 89 37.43 15.90 -8.30
N ALA A 90 38.64 16.45 -8.47
CA ALA A 90 39.81 15.81 -9.06
C ALA A 90 39.59 15.31 -10.49
N PHE A 91 38.59 15.85 -11.18
CA PHE A 91 38.34 15.51 -12.58
C PHE A 91 37.92 16.72 -13.40
N ASP A 92 38.37 17.93 -13.04
CA ASP A 92 37.98 19.13 -13.77
C ASP A 92 38.54 19.13 -15.19
N GLY A 93 39.77 18.66 -15.36
CA GLY A 93 40.31 18.37 -16.67
C GLY A 93 40.05 16.92 -17.06
N ARG A 94 40.76 16.50 -18.10
CA ARG A 94 40.71 15.19 -18.76
C ARG A 94 39.32 14.53 -18.84
N PRO A 95 38.40 15.07 -19.64
CA PRO A 95 37.09 14.41 -19.77
C PRO A 95 37.16 13.13 -20.59
N ALA A 96 38.16 13.01 -21.47
CA ALA A 96 38.30 11.80 -22.27
C ALA A 96 38.70 10.60 -21.42
N ASP A 97 39.53 10.84 -20.41
CA ASP A 97 39.90 9.76 -19.50
C ASP A 97 38.72 9.38 -18.62
N TYR A 98 37.84 10.33 -18.33
CA TYR A 98 36.60 10.03 -17.61
C TYR A 98 35.68 9.18 -18.47
N LEU A 99 35.63 9.46 -19.77
CA LEU A 99 34.83 8.65 -20.68
C LEU A 99 35.42 7.25 -20.82
N PHE A 100 36.75 7.15 -20.79
CA PHE A 100 37.42 5.85 -20.80
C PHE A 100 37.12 5.07 -19.52
N MET A 101 37.03 5.79 -18.39
CA MET A 101 36.64 5.16 -17.13
C MET A 101 35.22 4.64 -17.20
N LEU A 102 34.33 5.42 -17.81
CA LEU A 102 32.94 4.98 -17.95
C LEU A 102 32.78 3.87 -18.97
N LEU A 103 33.78 3.67 -19.85
CA LEU A 103 33.76 2.52 -20.74
C LEU A 103 34.38 1.27 -20.11
N PHE A 104 35.43 1.42 -19.29
CA PHE A 104 36.22 0.28 -18.84
C PHE A 104 35.46 -0.64 -17.89
N ASN A 105 34.72 -0.06 -16.94
CA ASN A 105 33.93 -0.89 -16.05
C ASN A 105 32.76 -1.53 -16.79
N TRP A 106 32.27 -0.88 -17.85
CA TRP A 106 31.22 -1.47 -18.66
C TRP A 106 31.70 -2.68 -19.44
N ILE A 107 32.89 -2.60 -20.04
CA ILE A 107 33.37 -3.71 -20.87
C ILE A 107 33.83 -4.92 -20.06
N CYS A 108 33.88 -4.82 -18.74
CA CYS A 108 34.07 -5.98 -17.87
C CYS A 108 32.79 -6.42 -17.18
N ILE A 109 31.89 -5.47 -16.87
CA ILE A 109 30.65 -5.85 -16.23
C ILE A 109 29.73 -6.53 -17.22
N VAL A 110 29.90 -6.28 -18.52
CA VAL A 110 29.11 -7.02 -19.51
C VAL A 110 29.59 -8.47 -19.58
N ILE A 111 30.88 -8.72 -19.32
CA ILE A 111 31.39 -10.09 -19.36
C ILE A 111 30.94 -10.84 -18.11
N THR A 112 31.10 -10.24 -16.94
CA THR A 112 30.74 -10.95 -15.71
C THR A 112 29.23 -11.02 -15.54
N GLY A 113 28.48 -10.17 -16.25
CA GLY A 113 27.04 -10.34 -16.30
C GLY A 113 26.60 -11.35 -17.34
N LEU A 114 27.41 -11.54 -18.39
CA LEU A 114 27.09 -12.56 -19.39
C LEU A 114 27.36 -13.95 -18.83
N ALA A 115 28.38 -14.08 -17.98
CA ALA A 115 28.63 -15.38 -17.34
C ALA A 115 27.55 -15.71 -16.32
N MET A 116 27.15 -14.73 -15.52
CA MET A 116 26.10 -14.93 -14.53
C MET A 116 24.74 -14.70 -15.21
N ASP A 117 23.66 -14.64 -14.43
CA ASP A 117 22.32 -14.56 -14.98
C ASP A 117 21.66 -13.22 -14.65
N MET A 118 22.40 -12.12 -14.74
CA MET A 118 21.80 -10.81 -14.49
C MET A 118 21.32 -10.20 -15.79
N GLN A 119 20.26 -9.39 -15.69
CA GLN A 119 19.58 -8.85 -16.87
C GLN A 119 19.71 -7.35 -17.01
N LEU A 120 19.34 -6.59 -15.98
CA LEU A 120 19.24 -5.14 -16.09
C LEU A 120 20.45 -4.53 -15.39
N LEU A 121 21.44 -4.16 -16.19
CA LEU A 121 22.74 -3.72 -15.67
C LEU A 121 22.75 -2.20 -15.53
N MET A 122 21.75 -1.65 -14.85
CA MET A 122 21.73 -0.23 -14.56
C MET A 122 22.24 0.08 -13.16
N ILE A 123 21.81 -0.69 -12.17
CA ILE A 123 22.25 -0.44 -10.78
C ILE A 123 23.74 -0.65 -10.56
N PRO A 124 24.38 -1.78 -10.98
CA PRO A 124 25.78 -1.97 -10.56
C PRO A 124 26.76 -1.00 -11.18
N LEU A 125 26.45 -0.42 -12.35
CA LEU A 125 27.36 0.57 -12.91
C LEU A 125 27.29 1.88 -12.14
N ILE A 126 26.09 2.25 -11.68
CA ILE A 126 25.92 3.44 -10.85
C ILE A 126 26.62 3.26 -9.52
N MET A 127 26.53 2.06 -8.93
CA MET A 127 27.26 1.87 -7.69
C MET A 127 28.76 1.69 -7.93
N SER A 128 29.17 1.30 -9.14
CA SER A 128 30.58 1.29 -9.49
C SER A 128 31.16 2.69 -9.49
N VAL A 129 30.47 3.64 -10.13
CA VAL A 129 31.01 5.00 -10.18
C VAL A 129 30.90 5.68 -8.82
N LEU A 130 29.87 5.31 -8.02
CA LEU A 130 29.78 5.79 -6.65
C LEU A 130 30.94 5.28 -5.80
N TYR A 131 31.32 4.01 -6.00
CA TYR A 131 32.43 3.41 -5.27
C TYR A 131 33.76 4.04 -5.66
N VAL A 132 33.92 4.34 -6.95
CA VAL A 132 35.14 4.99 -7.43
C VAL A 132 35.23 6.41 -6.88
N TRP A 133 34.08 7.08 -6.71
CA TRP A 133 34.08 8.35 -5.99
C TRP A 133 34.47 8.15 -4.53
N ALA A 134 34.03 7.06 -3.93
CA ALA A 134 34.28 6.84 -2.51
C ALA A 134 35.76 6.57 -2.21
N GLN A 135 36.48 5.97 -3.16
CA GLN A 135 37.89 5.67 -2.90
C GLN A 135 38.77 6.93 -2.90
N LEU A 136 38.47 7.91 -3.73
CA LEU A 136 39.33 9.09 -3.81
C LEU A 136 38.81 10.28 -3.01
N ASN A 137 37.81 10.08 -2.14
CA ASN A 137 37.20 11.17 -1.38
C ASN A 137 37.15 10.85 0.11
N ARG A 138 38.29 10.49 0.69
CA ARG A 138 38.34 10.22 2.12
C ARG A 138 38.18 11.51 2.93
N ASP A 139 37.78 11.30 4.20
CA ASP A 139 37.60 12.17 5.35
C ASP A 139 36.42 13.15 5.22
N MET A 140 35.68 13.15 4.11
CA MET A 140 34.45 13.93 4.01
C MET A 140 33.34 13.20 4.74
N ILE A 141 32.72 13.89 5.70
CA ILE A 141 31.74 13.27 6.58
C ILE A 141 30.34 13.77 6.23
N VAL A 142 30.26 14.96 5.66
CA VAL A 142 28.96 15.55 5.34
C VAL A 142 28.39 14.86 4.10
N SER A 143 27.48 13.91 4.34
CA SER A 143 26.88 13.14 3.25
C SER A 143 25.39 13.36 3.16
N PHE A 144 24.64 13.11 4.22
CA PHE A 144 23.19 13.27 4.22
C PHE A 144 22.80 14.63 4.79
N TRP A 145 21.59 15.06 4.47
CA TRP A 145 21.06 16.29 5.05
C TRP A 145 20.64 16.07 6.50
N PHE A 146 20.26 14.83 6.83
CA PHE A 146 19.92 14.51 8.21
C PHE A 146 21.05 13.77 8.91
N GLY A 147 21.54 12.69 8.29
CA GLY A 147 22.63 11.92 8.84
C GLY A 147 24.00 12.43 8.43
N THR A 148 24.43 13.55 9.01
CA THR A 148 25.70 14.16 8.64
C THR A 148 26.90 13.45 9.26
N ARG A 149 26.68 12.45 10.11
CA ARG A 149 27.76 11.76 10.80
C ARG A 149 28.26 10.53 10.04
N PHE A 150 27.85 10.35 8.78
CA PHE A 150 28.30 9.21 8.00
C PHE A 150 29.75 9.37 7.59
N LYS A 151 30.61 8.43 8.02
CA LYS A 151 32.01 8.48 7.67
C LYS A 151 32.20 8.13 6.19
N ALA A 152 33.35 8.54 5.64
CA ALA A 152 33.70 8.27 4.26
C ALA A 152 33.90 6.78 4.01
N CYS A 153 33.89 6.38 2.73
CA CYS A 153 33.92 5.00 2.22
C CYS A 153 32.99 4.04 2.97
N TYR A 154 31.81 4.52 3.37
CA TYR A 154 30.75 3.67 3.89
C TYR A 154 29.49 3.71 3.05
N LEU A 155 29.30 4.74 2.22
CA LEU A 155 28.09 4.90 1.42
C LEU A 155 27.81 3.79 0.41
N PRO A 156 28.80 3.13 -0.24
CA PRO A 156 28.47 1.94 -1.04
C PRO A 156 27.82 0.82 -0.24
N TRP A 157 28.24 0.61 1.00
CA TRP A 157 27.63 -0.44 1.80
C TRP A 157 26.21 -0.08 2.22
N VAL A 158 25.93 1.21 2.42
CA VAL A 158 24.58 1.54 2.85
C VAL A 158 23.63 1.60 1.65
N ILE A 159 24.13 1.90 0.44
CA ILE A 159 23.22 1.81 -0.71
C ILE A 159 23.04 0.34 -1.09
N LEU A 160 24.04 -0.50 -0.80
CA LEU A 160 23.86 -1.95 -0.91
C LEU A 160 22.82 -2.45 0.07
N GLY A 161 22.80 -1.87 1.27
CA GLY A 161 21.77 -2.22 2.24
C GLY A 161 20.39 -1.77 1.82
N PHE A 162 20.30 -0.60 1.17
CA PHE A 162 19.01 -0.13 0.66
C PHE A 162 18.49 -1.04 -0.44
N ASN A 163 19.38 -1.45 -1.36
CA ASN A 163 18.97 -2.38 -2.42
C ASN A 163 18.71 -3.77 -1.86
N TYR A 164 19.27 -4.09 -0.69
CA TYR A 164 19.03 -5.40 -0.09
C TYR A 164 17.69 -5.44 0.64
N ILE A 165 17.28 -4.31 1.23
CA ILE A 165 16.02 -4.30 1.96
C ILE A 165 14.84 -4.04 1.03
N ILE A 166 14.92 -3.00 0.22
CA ILE A 166 13.80 -2.62 -0.65
C ILE A 166 13.81 -3.40 -1.95
N GLY A 167 14.97 -3.58 -2.57
CA GLY A 167 15.05 -4.22 -3.86
C GLY A 167 15.12 -5.73 -3.73
N GLY A 168 15.87 -6.34 -4.65
CA GLY A 168 15.91 -7.79 -4.74
C GLY A 168 17.22 -8.42 -4.30
N SER A 169 18.05 -8.79 -5.26
CA SER A 169 19.22 -9.61 -4.97
C SER A 169 20.36 -8.80 -4.39
N VAL A 170 21.44 -9.49 -4.06
CA VAL A 170 22.64 -8.85 -3.54
C VAL A 170 23.88 -9.21 -4.37
N ILE A 171 23.80 -10.24 -5.23
CA ILE A 171 24.98 -10.69 -5.98
C ILE A 171 25.33 -9.73 -7.10
N ASN A 172 24.39 -8.87 -7.50
CA ASN A 172 24.63 -7.98 -8.63
C ASN A 172 25.39 -6.72 -8.22
N GLU A 173 25.14 -6.20 -7.02
CA GLU A 173 25.84 -4.97 -6.62
C GLU A 173 27.23 -5.27 -6.08
N LEU A 174 27.43 -6.47 -5.55
CA LEU A 174 28.75 -6.84 -5.04
C LEU A 174 29.76 -6.96 -6.18
N ILE A 175 29.31 -7.41 -7.35
CA ILE A 175 30.24 -7.49 -8.47
C ILE A 175 30.53 -6.09 -9.03
N GLY A 176 29.62 -5.13 -8.84
CA GLY A 176 29.91 -3.76 -9.23
C GLY A 176 30.93 -3.13 -8.30
N ASN A 177 30.81 -3.40 -7.01
CA ASN A 177 31.84 -2.96 -6.06
C ASN A 177 33.18 -3.62 -6.37
N LEU A 178 33.16 -4.88 -6.80
CA LEU A 178 34.39 -5.60 -7.11
C LEU A 178 35.09 -5.00 -8.33
N VAL A 179 34.33 -4.68 -9.38
CA VAL A 179 34.97 -4.12 -10.57
C VAL A 179 35.39 -2.67 -10.32
N GLY A 180 34.70 -1.96 -9.42
CA GLY A 180 35.16 -0.63 -9.03
C GLY A 180 36.48 -0.66 -8.29
N HIS A 181 36.63 -1.61 -7.34
CA HIS A 181 37.90 -1.79 -6.65
C HIS A 181 39.00 -2.26 -7.61
N LEU A 182 38.63 -3.07 -8.60
CA LEU A 182 39.57 -3.54 -9.61
C LEU A 182 40.13 -2.38 -10.43
N TYR A 183 39.25 -1.48 -10.89
CA TYR A 183 39.70 -0.33 -11.64
C TYR A 183 40.53 0.61 -10.77
N PHE A 184 40.15 0.76 -9.50
CA PHE A 184 40.88 1.67 -8.61
C PHE A 184 42.31 1.18 -8.39
N PHE A 185 42.47 -0.12 -8.13
CA PHE A 185 43.81 -0.65 -7.90
C PHE A 185 44.62 -0.69 -9.20
N LEU A 186 43.97 -0.98 -10.33
CA LEU A 186 44.72 -1.08 -11.57
C LEU A 186 44.98 0.28 -12.20
N MET A 187 44.38 1.34 -11.68
CA MET A 187 44.63 2.66 -12.23
C MET A 187 45.51 3.52 -11.33
N PHE A 188 45.44 3.37 -10.01
CA PHE A 188 46.29 4.16 -9.13
C PHE A 188 47.48 3.38 -8.58
N ARG A 189 47.90 2.31 -9.27
CA ARG A 189 49.16 1.66 -8.93
C ARG A 189 50.04 1.32 -10.13
N TYR A 190 49.48 1.07 -11.31
CA TYR A 190 50.27 0.51 -12.41
C TYR A 190 50.13 1.36 -13.66
N PRO A 191 51.22 1.49 -14.44
CA PRO A 191 51.17 2.31 -15.66
C PRO A 191 50.58 1.58 -16.86
N MET A 192 50.69 2.21 -18.03
CA MET A 192 50.28 1.70 -19.35
C MET A 192 48.77 1.47 -19.44
N ASP A 193 47.98 2.35 -18.83
CA ASP A 193 46.52 2.32 -18.97
C ASP A 193 46.01 3.74 -19.18
N LEU A 194 46.63 4.48 -20.11
CA LEU A 194 46.35 5.91 -20.26
C LEU A 194 44.98 6.13 -20.89
N GLY A 195 44.77 5.60 -22.10
CA GLY A 195 43.50 5.79 -22.76
C GLY A 195 43.57 5.38 -24.20
N GLY A 196 42.87 6.14 -25.04
CA GLY A 196 42.82 5.87 -26.45
C GLY A 196 43.17 7.10 -27.27
N ARG A 197 43.50 6.86 -28.53
CA ARG A 197 43.84 7.93 -29.45
C ARG A 197 42.56 8.58 -29.96
N ASN A 198 42.72 9.66 -30.74
CA ASN A 198 41.65 10.50 -31.30
C ASN A 198 40.70 11.03 -30.23
N PHE A 199 41.24 11.36 -29.06
CA PHE A 199 40.41 11.85 -27.96
C PHE A 199 40.05 13.32 -28.20
N LEU A 200 38.82 13.69 -27.83
CA LEU A 200 38.33 15.06 -27.99
C LEU A 200 38.58 15.86 -26.72
N SER A 201 39.84 15.89 -26.30
CA SER A 201 40.22 16.61 -25.09
C SER A 201 40.38 18.10 -25.37
N PHE B 8 26.76 -4.34 15.16
CA PHE B 8 27.40 -3.37 16.05
C PHE B 8 28.22 -4.11 17.09
N ARG B 9 29.38 -4.61 16.69
CA ARG B 9 30.25 -5.31 17.63
C ARG B 9 31.07 -4.31 18.44
N SER B 10 30.44 -3.68 19.43
CA SER B 10 31.14 -2.77 20.32
C SER B 10 30.78 -3.02 21.78
N ILE B 11 30.63 -4.29 22.16
CA ILE B 11 30.15 -4.79 23.45
C ILE B 11 28.84 -4.11 23.85
N PRO B 12 27.69 -4.45 23.24
CA PRO B 12 26.42 -3.90 23.73
C PRO B 12 25.84 -4.69 24.90
N ALA B 13 26.11 -5.99 24.93
CA ALA B 13 25.53 -6.91 25.91
C ALA B 13 26.29 -8.21 25.84
N ILE B 14 25.77 -9.22 26.54
CA ILE B 14 26.43 -10.53 26.58
C ILE B 14 25.95 -11.39 25.44
N THR B 15 24.63 -11.46 25.23
CA THR B 15 24.07 -12.32 24.19
C THR B 15 23.80 -11.51 22.93
N ARG B 16 24.87 -11.17 22.20
CA ARG B 16 24.76 -10.59 20.87
C ARG B 16 25.04 -11.62 19.79
N TYR B 17 25.40 -12.85 20.19
CA TYR B 17 25.56 -13.96 19.25
C TYR B 17 24.25 -14.26 18.54
N TRP B 18 23.13 -14.11 19.26
CA TRP B 18 21.79 -14.24 18.67
C TRP B 18 21.56 -13.21 17.58
N PHE B 19 21.93 -11.95 17.84
CA PHE B 19 21.75 -10.89 16.86
C PHE B 19 22.65 -11.08 15.66
N ALA B 20 23.88 -11.57 15.89
CA ALA B 20 24.80 -11.86 14.80
C ALA B 20 24.28 -13.00 13.94
N ALA B 21 23.68 -14.02 14.56
CA ALA B 21 23.10 -15.12 13.80
C ALA B 21 21.91 -14.66 12.97
N THR B 22 21.04 -13.83 13.56
CA THR B 22 19.85 -13.42 12.83
C THR B 22 20.15 -12.36 11.78
N VAL B 23 21.33 -11.74 11.83
CA VAL B 23 21.71 -10.88 10.71
C VAL B 23 22.57 -11.63 9.69
N ALA B 24 23.18 -12.75 10.06
CA ALA B 24 24.09 -13.44 9.16
C ALA B 24 23.40 -14.52 8.33
N VAL B 25 22.49 -15.27 8.92
CA VAL B 25 21.85 -16.41 8.26
C VAL B 25 20.98 -16.03 7.06
N PRO B 26 20.18 -14.94 7.06
CA PRO B 26 19.54 -14.55 5.80
C PRO B 26 20.52 -14.06 4.73
N LEU B 27 21.72 -13.64 5.11
CA LEU B 27 22.70 -13.27 4.09
C LEU B 27 23.33 -14.49 3.44
N VAL B 28 23.48 -15.60 4.16
CA VAL B 28 23.97 -16.82 3.52
C VAL B 28 22.82 -17.56 2.84
N GLY B 29 21.58 -17.23 3.17
CA GLY B 29 20.45 -17.79 2.45
C GLY B 29 20.17 -17.09 1.14
N LYS B 30 20.13 -15.75 1.17
CA LYS B 30 19.67 -15.00 0.01
C LYS B 30 20.70 -14.97 -1.10
N LEU B 31 21.99 -15.07 -0.75
CA LEU B 31 23.05 -14.92 -1.74
C LEU B 31 23.13 -16.11 -2.67
N GLY B 32 22.65 -17.27 -2.25
CA GLY B 32 22.60 -18.44 -3.11
C GLY B 32 23.61 -19.51 -2.82
N LEU B 33 24.25 -19.50 -1.63
CA LEU B 33 25.12 -20.61 -1.26
C LEU B 33 24.33 -21.87 -0.99
N ILE B 34 23.27 -21.77 -0.18
CA ILE B 34 22.39 -22.89 0.12
C ILE B 34 21.03 -22.58 -0.47
N SER B 35 20.43 -23.56 -1.13
CA SER B 35 19.05 -23.44 -1.59
C SER B 35 18.14 -23.40 -0.37
N PRO B 36 17.23 -22.43 -0.26
CA PRO B 36 16.46 -22.29 0.98
C PRO B 36 15.36 -23.33 1.18
N ALA B 37 15.27 -24.34 0.32
CA ALA B 37 14.31 -25.42 0.54
C ALA B 37 14.71 -26.31 1.71
N TYR B 38 15.99 -26.32 2.08
CA TYR B 38 16.46 -27.10 3.22
C TYR B 38 16.21 -26.39 4.54
N LEU B 39 15.57 -25.22 4.57
CA LEU B 39 15.35 -24.46 5.81
C LEU B 39 13.88 -24.07 5.87
N PHE B 40 13.03 -24.99 6.32
CA PHE B 40 11.63 -24.61 6.51
C PHE B 40 10.93 -25.23 7.71
N LEU B 41 11.57 -26.13 8.45
CA LEU B 41 10.99 -26.89 9.57
C LEU B 41 9.71 -27.60 9.14
N TRP B 42 9.90 -28.59 8.27
CA TRP B 42 8.80 -29.45 7.85
C TRP B 42 8.48 -30.47 8.94
N PRO B 43 7.30 -30.43 9.55
CA PRO B 43 6.95 -31.49 10.52
C PRO B 43 6.70 -32.83 9.87
N GLU B 44 6.29 -32.83 8.60
CA GLU B 44 6.11 -34.08 7.87
C GLU B 44 7.46 -34.74 7.58
N ALA B 45 8.52 -33.94 7.45
CA ALA B 45 9.85 -34.49 7.33
C ALA B 45 10.54 -34.62 8.68
N PHE B 46 9.88 -34.19 9.76
CA PHE B 46 10.40 -34.39 11.11
C PHE B 46 9.72 -35.54 11.84
N LEU B 47 8.62 -36.06 11.29
CA LEU B 47 7.89 -37.12 11.97
C LEU B 47 8.61 -38.47 11.82
N TYR B 48 8.84 -38.90 10.58
CA TYR B 48 9.43 -40.21 10.31
C TYR B 48 10.93 -40.11 10.05
N ARG B 49 11.33 -39.30 9.07
CA ARG B 49 12.75 -39.00 8.89
C ARG B 49 13.22 -38.12 10.05
N PHE B 50 14.46 -38.33 10.50
CA PHE B 50 14.94 -37.62 11.68
C PHE B 50 15.23 -36.15 11.36
N GLN B 51 16.28 -35.91 10.55
CA GLN B 51 16.54 -34.63 9.88
C GLN B 51 16.67 -33.46 10.87
N ILE B 52 17.77 -33.48 11.62
CA ILE B 52 17.95 -32.63 12.80
C ILE B 52 18.44 -31.23 12.39
N TRP B 53 18.50 -30.95 11.09
CA TRP B 53 18.90 -29.62 10.63
C TRP B 53 17.83 -28.58 10.96
N ARG B 54 16.57 -28.92 10.69
CA ARG B 54 15.50 -27.93 10.60
C ARG B 54 15.17 -27.19 11.90
N PRO B 55 14.94 -27.82 13.06
CA PRO B 55 14.45 -27.04 14.21
C PRO B 55 15.50 -26.17 14.86
N ILE B 56 16.76 -26.22 14.41
CA ILE B 56 17.75 -25.24 14.83
C ILE B 56 18.06 -24.26 13.70
N THR B 57 17.94 -24.67 12.44
CA THR B 57 18.25 -23.72 11.37
C THR B 57 17.06 -22.86 10.99
N ALA B 58 15.87 -23.18 11.51
CA ALA B 58 14.69 -22.42 11.13
C ALA B 58 14.41 -21.27 12.10
N THR B 59 14.97 -21.33 13.31
CA THR B 59 14.71 -20.27 14.28
C THR B 59 15.56 -19.04 14.04
N PHE B 60 16.48 -19.08 13.08
CA PHE B 60 17.36 -17.96 12.80
C PHE B 60 17.18 -17.40 11.40
N TYR B 61 16.63 -18.17 10.47
CA TYR B 61 16.48 -17.76 9.09
C TYR B 61 15.12 -17.10 8.86
N PHE B 62 15.12 -15.99 8.15
CA PHE B 62 13.89 -15.33 7.76
C PHE B 62 13.96 -14.98 6.28
N PRO B 63 12.92 -15.26 5.50
CA PRO B 63 13.00 -14.98 4.06
C PRO B 63 12.75 -13.52 3.77
N VAL B 64 13.51 -13.00 2.80
CA VAL B 64 13.44 -11.60 2.42
C VAL B 64 12.96 -11.50 0.97
N GLY B 65 11.91 -10.71 0.77
CA GLY B 65 11.40 -10.44 -0.55
C GLY B 65 11.06 -8.97 -0.73
N PRO B 66 11.04 -8.51 -1.98
CA PRO B 66 10.71 -7.10 -2.23
C PRO B 66 9.23 -6.81 -2.00
N GLY B 67 8.87 -6.59 -0.74
CA GLY B 67 7.49 -6.43 -0.34
C GLY B 67 7.27 -7.04 1.03
N THR B 68 8.13 -7.97 1.40
CA THR B 68 8.29 -8.39 2.80
C THR B 68 9.71 -8.00 3.21
N GLY B 69 9.87 -6.74 3.60
CA GLY B 69 11.17 -6.20 3.91
C GLY B 69 11.11 -5.18 5.02
N PHE B 70 9.95 -5.04 5.63
CA PHE B 70 9.78 -4.17 6.78
C PHE B 70 9.46 -4.93 8.05
N LEU B 71 8.80 -6.08 7.93
CA LEU B 71 8.61 -6.97 9.08
C LEU B 71 9.94 -7.45 9.63
N TYR B 72 10.89 -7.77 8.73
CA TYR B 72 12.21 -8.22 9.15
C TYR B 72 12.96 -7.11 9.89
N LEU B 73 12.90 -5.89 9.37
CA LEU B 73 13.60 -4.78 9.99
C LEU B 73 12.99 -4.41 11.33
N VAL B 74 11.66 -4.41 11.42
CA VAL B 74 11.03 -4.02 12.68
C VAL B 74 11.18 -5.13 13.72
N ASN B 75 11.27 -6.39 13.27
CA ASN B 75 11.48 -7.48 14.23
C ASN B 75 12.91 -7.50 14.73
N LEU B 76 13.87 -7.16 13.86
CA LEU B 76 15.25 -7.03 14.30
C LEU B 76 15.41 -5.83 15.25
N TYR B 77 14.63 -4.78 15.02
CA TYR B 77 14.66 -3.63 15.92
C TYR B 77 14.08 -3.99 17.28
N PHE B 78 12.97 -4.74 17.30
CA PHE B 78 12.39 -5.23 18.55
C PHE B 78 13.37 -6.11 19.29
N LEU B 79 14.07 -6.99 18.56
CA LEU B 79 15.08 -7.87 19.14
C LEU B 79 16.18 -7.08 19.82
N TYR B 80 16.84 -6.19 19.09
CA TYR B 80 17.98 -5.45 19.63
C TYR B 80 17.56 -4.48 20.73
N GLN B 81 16.39 -3.86 20.59
CA GLN B 81 16.04 -2.81 21.52
C GLN B 81 15.40 -3.36 22.78
N TYR B 82 14.84 -4.57 22.74
CA TYR B 82 14.12 -5.08 23.89
C TYR B 82 14.74 -6.32 24.51
N SER B 83 15.75 -6.94 23.88
CA SER B 83 16.50 -7.96 24.59
C SER B 83 17.58 -7.36 25.47
N THR B 84 18.22 -6.28 25.03
CA THR B 84 19.30 -5.66 25.78
C THR B 84 18.82 -4.88 26.99
N ARG B 85 17.55 -4.48 27.02
CA ARG B 85 17.01 -3.86 28.22
C ARG B 85 16.95 -4.86 29.38
N LEU B 86 16.66 -6.12 29.06
CA LEU B 86 16.78 -7.17 30.06
C LEU B 86 18.24 -7.44 30.39
N GLU B 87 19.13 -7.21 29.42
CA GLU B 87 20.56 -7.45 29.65
C GLU B 87 21.13 -6.43 30.63
N THR B 88 20.61 -5.21 30.60
CA THR B 88 21.02 -4.22 31.58
C THR B 88 20.09 -4.17 32.79
N GLY B 89 18.98 -4.92 32.79
CA GLY B 89 18.07 -4.85 33.91
C GLY B 89 17.74 -6.15 34.62
N ALA B 90 17.83 -7.27 33.92
CA ALA B 90 17.48 -8.55 34.53
C ALA B 90 18.58 -9.59 34.40
N PHE B 91 19.34 -9.58 33.30
CA PHE B 91 20.51 -10.44 33.09
C PHE B 91 21.73 -10.01 33.95
N ASP B 92 21.62 -9.05 34.88
CA ASP B 92 22.77 -8.49 35.59
C ASP B 92 23.33 -9.53 36.56
N GLY B 93 24.31 -10.30 36.11
CA GLY B 93 24.73 -11.49 36.81
C GLY B 93 23.77 -12.63 36.55
N ARG B 94 24.14 -13.81 37.08
CA ARG B 94 23.51 -15.13 36.99
C ARG B 94 22.87 -15.43 35.63
N PRO B 95 23.60 -15.27 34.52
CA PRO B 95 22.92 -15.24 33.21
C PRO B 95 22.42 -16.60 32.73
N ALA B 96 22.81 -17.67 33.43
CA ALA B 96 22.28 -19.00 33.14
C ALA B 96 20.77 -19.07 33.36
N ASP B 97 20.27 -18.27 34.33
CA ASP B 97 18.85 -18.17 34.60
C ASP B 97 18.07 -17.66 33.39
N TYR B 98 18.55 -16.58 32.78
CA TYR B 98 17.79 -15.99 31.69
C TYR B 98 18.11 -16.68 30.36
N LEU B 99 19.24 -17.39 30.29
CA LEU B 99 19.43 -18.32 29.18
C LEU B 99 18.47 -19.50 29.29
N PHE B 100 18.18 -19.92 30.52
CA PHE B 100 17.17 -20.95 30.73
C PHE B 100 15.78 -20.41 30.38
N MET B 101 15.55 -19.11 30.63
CA MET B 101 14.32 -18.47 30.17
C MET B 101 14.20 -18.52 28.65
N LEU B 102 15.26 -18.15 27.95
CA LEU B 102 15.21 -18.11 26.50
C LEU B 102 15.17 -19.50 25.87
N LEU B 103 15.67 -20.54 26.56
CA LEU B 103 15.54 -21.91 26.07
C LEU B 103 14.13 -22.45 26.27
N PHE B 104 13.45 -21.97 27.31
CA PHE B 104 12.16 -22.54 27.71
C PHE B 104 11.08 -22.25 26.68
N ASN B 105 10.90 -20.97 26.35
CA ASN B 105 9.90 -20.63 25.34
C ASN B 105 10.33 -21.06 23.95
N TRP B 106 11.64 -21.27 23.75
CA TRP B 106 12.14 -21.88 22.52
C TRP B 106 11.62 -23.29 22.34
N ILE B 107 11.79 -24.15 23.36
CA ILE B 107 11.34 -25.54 23.22
C ILE B 107 9.81 -25.63 23.24
N CYS B 108 9.14 -24.73 23.98
CA CYS B 108 7.67 -24.75 23.99
C CYS B 108 7.08 -24.29 22.65
N ILE B 109 7.67 -23.28 22.03
CA ILE B 109 7.09 -22.80 20.78
C ILE B 109 7.49 -23.70 19.61
N VAL B 110 8.61 -24.41 19.72
CA VAL B 110 8.90 -25.36 18.64
C VAL B 110 8.01 -26.61 18.77
N ILE B 111 7.65 -26.99 20.01
CA ILE B 111 6.77 -28.15 20.12
C ILE B 111 5.32 -27.77 19.78
N THR B 112 4.92 -26.52 20.04
CA THR B 112 3.59 -26.11 19.60
C THR B 112 3.56 -25.70 18.14
N GLY B 113 4.71 -25.43 17.52
CA GLY B 113 4.75 -25.28 16.08
C GLY B 113 4.74 -26.61 15.38
N LEU B 114 5.20 -27.67 16.06
CA LEU B 114 4.89 -29.01 15.60
C LEU B 114 3.41 -29.33 15.80
N ALA B 115 2.79 -28.80 16.86
CA ALA B 115 1.35 -28.97 17.04
C ALA B 115 0.55 -28.18 16.03
N MET B 116 1.04 -27.01 15.64
CA MET B 116 0.49 -26.26 14.51
C MET B 116 1.23 -26.69 13.25
N ASP B 117 1.08 -25.94 12.16
CA ASP B 117 1.89 -26.14 10.97
C ASP B 117 2.68 -24.88 10.60
N MET B 118 3.08 -24.09 11.59
CA MET B 118 3.87 -22.90 11.34
C MET B 118 5.29 -23.31 10.95
N GLN B 119 5.90 -22.52 10.05
CA GLN B 119 7.14 -22.97 9.44
C GLN B 119 8.29 -21.96 9.57
N LEU B 120 7.98 -20.68 9.73
CA LEU B 120 9.01 -19.66 9.95
C LEU B 120 8.95 -19.22 11.40
N LEU B 121 9.88 -19.76 12.20
CA LEU B 121 9.84 -19.63 13.65
C LEU B 121 10.82 -18.53 14.07
N MET B 122 10.50 -17.31 13.71
CA MET B 122 11.33 -16.22 14.21
C MET B 122 10.51 -15.14 14.90
N ILE B 123 9.30 -14.87 14.40
CA ILE B 123 8.44 -13.86 15.02
C ILE B 123 7.98 -14.23 16.45
N PRO B 124 7.45 -15.45 16.73
CA PRO B 124 6.86 -15.65 18.07
C PRO B 124 7.85 -15.61 19.22
N LEU B 125 9.12 -15.90 18.97
CA LEU B 125 10.11 -15.86 20.04
C LEU B 125 10.37 -14.42 20.46
N ILE B 126 10.50 -13.51 19.49
CA ILE B 126 10.71 -12.10 19.80
C ILE B 126 9.46 -11.49 20.42
N MET B 127 8.28 -11.91 19.95
CA MET B 127 7.05 -11.44 20.58
C MET B 127 6.92 -11.95 22.01
N SER B 128 7.39 -13.18 22.26
CA SER B 128 7.34 -13.75 23.61
C SER B 128 8.27 -13.00 24.55
N VAL B 129 9.49 -12.70 24.09
CA VAL B 129 10.41 -11.99 24.99
C VAL B 129 9.97 -10.54 25.16
N LEU B 130 9.28 -9.95 24.17
CA LEU B 130 8.73 -8.62 24.34
C LEU B 130 7.60 -8.61 25.36
N TYR B 131 6.76 -9.64 25.33
CA TYR B 131 5.66 -9.71 26.29
C TYR B 131 6.17 -10.00 27.70
N VAL B 132 7.23 -10.79 27.83
CA VAL B 132 7.74 -11.04 29.17
C VAL B 132 8.49 -9.82 29.70
N TRP B 133 9.05 -9.00 28.80
CA TRP B 133 9.60 -7.70 29.20
C TRP B 133 8.49 -6.81 29.77
N ALA B 134 7.40 -6.69 29.02
CA ALA B 134 6.30 -5.81 29.41
C ALA B 134 5.61 -6.32 30.67
N GLN B 135 5.61 -7.63 30.88
CA GLN B 135 5.01 -8.18 32.08
C GLN B 135 5.92 -8.07 33.30
N LEU B 136 7.24 -8.14 33.11
CA LEU B 136 8.15 -7.88 34.21
C LEU B 136 8.24 -6.39 34.56
N ASN B 137 7.85 -5.50 33.65
CA ASN B 137 7.91 -4.07 33.94
C ASN B 137 6.55 -3.41 33.85
N ARG B 138 5.58 -4.00 34.54
CA ARG B 138 4.27 -3.39 34.76
C ARG B 138 4.41 -2.06 35.53
N ASP B 139 3.45 -1.16 35.28
CA ASP B 139 3.34 0.18 35.89
C ASP B 139 4.53 1.05 35.50
N MET B 140 4.76 1.19 34.20
CA MET B 140 5.68 2.18 33.65
C MET B 140 4.84 3.24 32.95
N ILE B 141 5.09 4.50 33.30
CA ILE B 141 4.17 5.57 32.90
C ILE B 141 4.35 5.92 31.43
N VAL B 142 5.57 5.83 30.90
CA VAL B 142 5.85 6.20 29.53
C VAL B 142 6.08 4.95 28.69
N SER B 143 5.40 4.86 27.55
CA SER B 143 5.59 3.76 26.63
C SER B 143 5.58 4.14 25.16
N PHE B 144 5.38 5.42 24.82
CA PHE B 144 5.24 5.83 23.43
C PHE B 144 5.78 7.25 23.31
N TRP B 145 5.66 7.81 22.09
CA TRP B 145 6.17 9.13 21.78
C TRP B 145 5.16 10.04 21.08
N PHE B 146 4.13 9.48 20.45
CA PHE B 146 3.01 10.30 19.98
C PHE B 146 1.96 10.44 21.09
N GLY B 147 1.38 9.32 21.49
CA GLY B 147 0.60 9.25 22.71
C GLY B 147 1.52 9.01 23.89
N THR B 148 2.19 10.08 24.33
CA THR B 148 3.32 10.04 25.27
C THR B 148 2.97 9.40 26.60
N ARG B 149 1.69 9.45 26.98
CA ARG B 149 1.19 8.72 28.13
C ARG B 149 0.49 7.47 27.61
N PHE B 150 0.95 6.30 28.08
CA PHE B 150 0.48 5.02 27.59
C PHE B 150 0.54 3.99 28.71
N LYS B 151 -0.58 3.31 28.91
CA LYS B 151 -0.63 2.22 29.88
C LYS B 151 0.18 1.04 29.34
N ALA B 152 1.19 0.61 30.09
CA ALA B 152 2.11 -0.41 29.63
C ALA B 152 1.45 -1.79 29.61
N CYS B 153 2.23 -2.78 29.14
CA CYS B 153 1.96 -4.21 28.98
C CYS B 153 0.90 -4.53 27.93
N TYR B 154 0.33 -3.50 27.30
CA TYR B 154 -0.60 -3.70 26.19
C TYR B 154 0.12 -3.77 24.84
N LEU B 155 1.44 -3.56 24.84
CA LEU B 155 2.25 -3.50 23.62
C LEU B 155 2.13 -4.72 22.69
N PRO B 156 2.14 -5.99 23.15
CA PRO B 156 1.93 -7.08 22.19
C PRO B 156 0.53 -7.13 21.61
N TRP B 157 -0.46 -6.58 22.30
CA TRP B 157 -1.79 -6.46 21.72
C TRP B 157 -1.88 -5.32 20.72
N VAL B 158 -1.11 -4.25 20.94
CA VAL B 158 -1.01 -3.18 19.94
C VAL B 158 -0.28 -3.69 18.70
N ILE B 159 0.63 -4.66 18.88
CA ILE B 159 1.25 -5.32 17.72
C ILE B 159 0.20 -6.10 16.94
N LEU B 160 -0.74 -6.74 17.63
CA LEU B 160 -1.83 -7.42 16.92
C LEU B 160 -2.78 -6.43 16.27
N GLY B 161 -2.95 -5.25 16.87
CA GLY B 161 -3.75 -4.21 16.23
C GLY B 161 -3.11 -3.69 14.95
N PHE B 162 -1.80 -3.50 14.96
CA PHE B 162 -1.10 -3.12 13.75
C PHE B 162 -1.06 -4.26 12.74
N ASN B 163 -1.18 -5.49 13.20
CA ASN B 163 -1.33 -6.61 12.27
C ASN B 163 -2.71 -6.59 11.62
N TYR B 164 -3.75 -6.23 12.37
CA TYR B 164 -5.08 -6.10 11.74
C TYR B 164 -5.16 -4.86 10.85
N ILE B 165 -4.27 -3.89 11.07
CA ILE B 165 -4.16 -2.78 10.12
C ILE B 165 -3.46 -3.26 8.84
N ILE B 166 -2.35 -3.99 8.98
CA ILE B 166 -1.65 -4.52 7.82
C ILE B 166 -2.34 -5.75 7.22
N GLY B 167 -3.38 -6.26 7.87
CA GLY B 167 -4.06 -7.47 7.44
C GLY B 167 -3.43 -8.72 8.02
N GLY B 168 -2.31 -9.15 7.44
CA GLY B 168 -1.44 -10.23 7.91
C GLY B 168 -2.08 -11.49 8.46
N SER B 169 -1.64 -11.88 9.67
CA SER B 169 -2.18 -13.02 10.39
C SER B 169 -1.79 -12.89 11.85
N VAL B 170 -2.56 -13.54 12.73
CA VAL B 170 -2.29 -13.50 14.15
C VAL B 170 -1.77 -14.82 14.70
N ILE B 171 -1.66 -15.87 13.87
CA ILE B 171 -1.15 -17.15 14.34
C ILE B 171 0.36 -17.11 14.54
N ASN B 172 1.01 -16.08 14.00
CA ASN B 172 2.46 -15.98 14.12
C ASN B 172 2.88 -15.26 15.39
N GLU B 173 1.92 -14.83 16.21
CA GLU B 173 2.25 -14.02 17.38
C GLU B 173 1.62 -14.47 18.68
N LEU B 174 0.38 -14.98 18.66
CA LEU B 174 -0.35 -15.17 19.92
C LEU B 174 0.18 -16.37 20.69
N ILE B 175 0.84 -17.31 20.00
CA ILE B 175 1.42 -18.44 20.72
C ILE B 175 2.62 -18.00 21.54
N GLY B 176 3.43 -17.06 21.01
CA GLY B 176 4.49 -16.49 21.81
C GLY B 176 3.95 -15.59 22.92
N ASN B 177 2.90 -14.83 22.62
CA ASN B 177 2.30 -13.98 23.63
C ASN B 177 1.60 -14.77 24.72
N LEU B 178 1.25 -16.03 24.46
CA LEU B 178 0.69 -16.89 25.50
C LEU B 178 1.77 -17.63 26.26
N VAL B 179 2.87 -18.00 25.59
CA VAL B 179 3.92 -18.72 26.30
C VAL B 179 4.70 -17.79 27.21
N GLY B 180 4.68 -16.48 26.91
CA GLY B 180 5.23 -15.51 27.85
C GLY B 180 4.45 -15.46 29.15
N HIS B 181 3.11 -15.49 29.05
CA HIS B 181 2.27 -15.55 30.25
C HIS B 181 2.44 -16.88 30.97
N LEU B 182 2.69 -17.95 30.20
CA LEU B 182 2.95 -19.26 30.79
C LEU B 182 4.21 -19.25 31.65
N TYR B 183 5.30 -18.69 31.11
CA TYR B 183 6.54 -18.62 31.88
C TYR B 183 6.40 -17.65 33.06
N PHE B 184 5.64 -16.56 32.87
CA PHE B 184 5.44 -15.61 33.96
C PHE B 184 4.64 -16.23 35.10
N PHE B 185 3.65 -17.06 34.77
CA PHE B 185 2.88 -17.77 35.78
C PHE B 185 3.74 -18.79 36.51
N LEU B 186 4.53 -19.56 35.76
CA LEU B 186 5.33 -20.62 36.38
C LEU B 186 6.54 -20.06 37.12
N MET B 187 6.87 -18.78 36.88
CA MET B 187 7.94 -18.16 37.65
C MET B 187 7.38 -17.47 38.89
N PHE B 188 6.32 -16.67 38.74
CA PHE B 188 5.84 -15.85 39.84
C PHE B 188 5.00 -16.67 40.82
N ARG B 189 4.14 -17.55 40.32
CA ARG B 189 3.18 -18.21 41.19
C ARG B 189 3.82 -19.35 41.98
N TYR B 190 4.57 -20.21 41.31
CA TYR B 190 5.02 -21.43 41.97
C TYR B 190 6.54 -21.58 41.90
N PRO B 191 7.14 -22.17 42.95
CA PRO B 191 8.59 -22.46 42.91
C PRO B 191 8.91 -23.74 42.15
N MET B 192 10.18 -24.16 42.25
CA MET B 192 10.79 -25.36 41.66
C MET B 192 10.91 -25.29 40.14
N ASP B 193 10.83 -24.10 39.55
CA ASP B 193 11.18 -23.91 38.14
C ASP B 193 12.61 -23.40 38.03
N LEU B 194 13.53 -24.24 38.50
CA LEU B 194 14.93 -23.86 38.60
C LEU B 194 15.75 -24.53 37.50
N GLY B 195 16.98 -24.04 37.33
CA GLY B 195 17.88 -24.52 36.30
C GLY B 195 18.51 -25.84 36.62
N GLY B 196 19.63 -26.11 35.96
CA GLY B 196 20.31 -27.38 36.14
C GLY B 196 21.82 -27.26 36.23
N ARG B 197 22.52 -28.19 35.61
CA ARG B 197 23.97 -28.22 35.62
C ARG B 197 24.57 -27.26 34.60
N ASN B 198 25.88 -27.40 34.36
CA ASN B 198 26.65 -26.60 33.39
C ASN B 198 26.61 -25.12 33.73
N PHE B 199 26.63 -24.78 35.02
CA PHE B 199 26.67 -23.39 35.43
C PHE B 199 28.05 -22.79 35.17
N LEU B 200 28.06 -21.60 34.58
CA LEU B 200 29.30 -20.90 34.27
C LEU B 200 29.02 -19.40 34.42
N SER B 201 29.33 -18.87 35.60
CA SER B 201 29.07 -17.46 35.89
C SER B 201 30.04 -16.94 36.95
N PHE C 8 -13.61 0.49 28.04
CA PHE C 8 -13.57 -0.34 29.23
C PHE C 8 -14.82 -1.22 29.30
N ARG C 9 -14.61 -2.51 29.57
CA ARG C 9 -15.72 -3.45 29.69
C ARG C 9 -16.33 -3.41 31.08
N SER C 10 -16.81 -2.24 31.49
CA SER C 10 -17.44 -2.03 32.79
C SER C 10 -18.95 -2.08 32.71
N ILE C 11 -19.48 -2.98 31.87
CA ILE C 11 -20.87 -3.17 31.44
C ILE C 11 -21.54 -1.83 31.15
N PRO C 12 -21.17 -1.15 30.06
CA PRO C 12 -21.69 0.21 29.83
C PRO C 12 -23.15 0.22 29.39
N ALA C 13 -23.61 -0.84 28.74
CA ALA C 13 -25.03 -1.02 28.44
C ALA C 13 -25.35 -2.49 28.64
N ILE C 14 -26.64 -2.84 28.59
CA ILE C 14 -27.07 -4.17 29.02
C ILE C 14 -26.82 -5.22 27.95
N THR C 15 -26.63 -4.81 26.69
CA THR C 15 -26.53 -5.74 25.58
C THR C 15 -25.21 -5.64 24.81
N ARG C 16 -24.08 -5.56 25.51
CA ARG C 16 -22.79 -5.50 24.82
C ARG C 16 -22.19 -6.86 24.54
N TYR C 17 -22.95 -7.94 24.79
CA TYR C 17 -22.54 -9.26 24.34
C TYR C 17 -22.56 -9.36 22.82
N TRP C 18 -23.42 -8.56 22.17
CA TRP C 18 -23.39 -8.38 20.72
C TRP C 18 -22.02 -7.88 20.26
N PHE C 19 -21.51 -6.85 20.93
CA PHE C 19 -20.20 -6.29 20.59
C PHE C 19 -19.08 -7.28 20.87
N ALA C 20 -19.19 -8.00 21.99
CA ALA C 20 -18.18 -9.00 22.34
C ALA C 20 -18.16 -10.14 21.34
N ALA C 21 -19.33 -10.57 20.88
CA ALA C 21 -19.38 -11.68 19.91
C ALA C 21 -18.92 -11.25 18.54
N THR C 22 -19.29 -10.03 18.10
CA THR C 22 -18.87 -9.57 16.80
C THR C 22 -17.40 -9.16 16.76
N VAL C 23 -16.76 -9.00 17.92
CA VAL C 23 -15.29 -9.01 17.95
C VAL C 23 -14.73 -10.42 17.96
N ALA C 24 -15.28 -11.32 18.79
CA ALA C 24 -14.71 -12.63 19.06
C ALA C 24 -14.75 -13.58 17.86
N VAL C 25 -15.93 -13.78 17.26
CA VAL C 25 -16.14 -14.75 16.18
C VAL C 25 -15.25 -14.49 14.95
N PRO C 26 -14.96 -13.25 14.51
CA PRO C 26 -13.92 -13.10 13.47
C PRO C 26 -12.54 -13.57 13.87
N LEU C 27 -12.19 -13.55 15.17
CA LEU C 27 -10.91 -14.15 15.56
C LEU C 27 -10.95 -15.67 15.47
N VAL C 28 -12.13 -16.27 15.68
CA VAL C 28 -12.28 -17.70 15.47
C VAL C 28 -12.15 -18.02 13.99
N GLY C 29 -12.68 -17.15 13.14
CA GLY C 29 -12.53 -17.29 11.70
C GLY C 29 -11.10 -17.17 11.21
N LYS C 30 -10.44 -16.05 11.53
CA LYS C 30 -9.08 -15.82 11.08
C LYS C 30 -8.06 -16.68 11.82
N LEU C 31 -8.42 -17.27 12.95
CA LEU C 31 -7.50 -18.12 13.68
C LEU C 31 -7.27 -19.44 12.96
N GLY C 32 -8.33 -20.04 12.43
CA GLY C 32 -8.22 -21.31 11.75
C GLY C 32 -8.79 -22.50 12.49
N LEU C 33 -9.85 -22.31 13.28
CA LEU C 33 -10.50 -23.46 13.93
C LEU C 33 -11.58 -24.05 13.04
N ILE C 34 -12.51 -23.20 12.57
CA ILE C 34 -13.55 -23.61 11.64
C ILE C 34 -13.30 -22.88 10.34
N SER C 35 -13.51 -23.58 9.22
CA SER C 35 -13.28 -22.99 7.91
C SER C 35 -14.33 -21.90 7.64
N PRO C 36 -13.94 -20.79 7.00
CA PRO C 36 -14.92 -19.72 6.75
C PRO C 36 -15.97 -20.07 5.70
N ALA C 37 -15.74 -21.12 4.91
CA ALA C 37 -16.75 -21.56 3.95
C ALA C 37 -17.98 -22.14 4.63
N TYR C 38 -17.85 -22.62 5.86
CA TYR C 38 -18.99 -23.09 6.63
C TYR C 38 -19.87 -21.96 7.15
N LEU C 39 -19.41 -20.71 7.07
CA LEU C 39 -20.14 -19.56 7.60
C LEU C 39 -20.24 -18.52 6.47
N PHE C 40 -21.22 -18.70 5.59
CA PHE C 40 -21.46 -17.77 4.49
C PHE C 40 -22.92 -17.43 4.25
N LEU C 41 -23.87 -18.20 4.78
CA LEU C 41 -25.29 -18.17 4.41
C LEU C 41 -25.45 -18.31 2.89
N TRP C 42 -25.09 -19.50 2.42
CA TRP C 42 -25.46 -19.89 1.06
C TRP C 42 -26.96 -20.10 1.02
N PRO C 43 -27.71 -19.27 0.30
CA PRO C 43 -29.17 -19.31 0.41
C PRO C 43 -29.79 -20.53 -0.24
N GLU C 44 -29.27 -20.97 -1.39
CA GLU C 44 -29.82 -22.15 -2.03
C GLU C 44 -29.40 -23.42 -1.29
N ALA C 45 -28.26 -23.38 -0.60
CA ALA C 45 -27.89 -24.49 0.28
C ALA C 45 -28.69 -24.47 1.56
N PHE C 46 -29.18 -23.30 1.98
CA PHE C 46 -30.16 -23.19 3.05
C PHE C 46 -31.55 -23.61 2.60
N LEU C 47 -31.80 -23.63 1.28
CA LEU C 47 -33.11 -23.97 0.76
C LEU C 47 -33.36 -25.47 0.79
N TYR C 48 -32.51 -26.24 0.10
CA TYR C 48 -32.69 -27.69 0.05
C TYR C 48 -32.34 -28.34 1.40
N ARG C 49 -31.09 -28.19 1.83
CA ARG C 49 -30.67 -28.69 3.12
C ARG C 49 -31.30 -27.86 4.23
N PHE C 50 -31.35 -28.44 5.43
CA PHE C 50 -31.93 -27.73 6.57
C PHE C 50 -30.96 -26.65 7.05
N GLN C 51 -29.81 -27.09 7.58
CA GLN C 51 -28.59 -26.29 7.81
C GLN C 51 -28.86 -25.02 8.62
N ILE C 52 -29.26 -25.22 9.87
CA ILE C 52 -29.67 -24.12 10.73
C ILE C 52 -28.42 -23.65 11.50
N TRP C 53 -27.25 -24.14 11.09
CA TRP C 53 -26.00 -23.52 11.48
C TRP C 53 -25.82 -22.12 10.90
N ARG C 54 -26.45 -21.82 9.76
CA ARG C 54 -26.14 -20.55 9.11
C ARG C 54 -27.29 -19.57 8.87
N PRO C 55 -28.24 -19.29 9.80
CA PRO C 55 -28.92 -17.99 9.72
C PRO C 55 -28.37 -16.99 10.71
N ILE C 56 -27.57 -17.46 11.67
CA ILE C 56 -27.26 -16.66 12.84
C ILE C 56 -25.76 -16.40 12.94
N THR C 57 -24.94 -17.34 12.47
CA THR C 57 -23.49 -17.12 12.50
C THR C 57 -23.06 -16.18 11.38
N ALA C 58 -23.89 -16.07 10.33
CA ALA C 58 -23.55 -15.19 9.22
C ALA C 58 -23.64 -13.71 9.59
N THR C 59 -24.48 -13.34 10.55
CA THR C 59 -24.55 -11.96 10.99
C THR C 59 -23.64 -11.68 12.17
N PHE C 60 -22.68 -12.56 12.44
CA PHE C 60 -21.69 -12.35 13.48
C PHE C 60 -20.30 -12.52 12.91
N TYR C 61 -20.10 -12.16 11.65
CA TYR C 61 -18.88 -12.50 10.96
C TYR C 61 -18.51 -11.39 9.99
N PHE C 62 -17.20 -11.22 9.79
CA PHE C 62 -16.64 -10.35 8.77
C PHE C 62 -15.22 -10.81 8.46
N PRO C 63 -14.92 -11.11 7.21
CA PRO C 63 -13.59 -11.68 6.87
C PRO C 63 -12.51 -10.61 6.76
N VAL C 64 -11.95 -10.26 7.91
CA VAL C 64 -10.89 -9.26 7.97
C VAL C 64 -9.62 -9.85 7.36
N GLY C 65 -8.79 -8.99 6.79
CA GLY C 65 -7.55 -9.44 6.20
C GLY C 65 -6.93 -8.44 5.24
N PRO C 66 -6.49 -8.93 4.07
CA PRO C 66 -5.74 -8.09 3.13
C PRO C 66 -6.61 -7.22 2.24
N GLY C 67 -7.00 -6.06 2.76
CA GLY C 67 -7.70 -5.09 1.95
C GLY C 67 -8.98 -4.57 2.56
N THR C 68 -9.77 -5.46 3.16
CA THR C 68 -10.97 -5.08 3.89
C THR C 68 -10.64 -5.04 5.38
N GLY C 69 -9.85 -4.04 5.76
CA GLY C 69 -9.47 -3.90 7.16
C GLY C 69 -9.97 -2.63 7.80
N PHE C 70 -10.04 -1.55 7.02
CA PHE C 70 -10.52 -0.28 7.57
C PHE C 70 -12.04 -0.26 7.66
N LEU C 71 -12.71 -1.01 6.78
CA LEU C 71 -14.17 -1.07 6.79
C LEU C 71 -14.68 -1.73 8.06
N TYR C 72 -14.01 -2.79 8.51
CA TYR C 72 -14.35 -3.47 9.75
C TYR C 72 -14.22 -2.53 10.95
N LEU C 73 -13.11 -1.80 11.01
CA LEU C 73 -12.84 -0.91 12.14
C LEU C 73 -13.83 0.25 12.17
N VAL C 74 -14.14 0.83 11.01
CA VAL C 74 -15.06 1.97 10.95
C VAL C 74 -16.49 1.53 11.29
N ASN C 75 -16.93 0.38 10.75
CA ASN C 75 -18.30 -0.07 11.01
C ASN C 75 -18.47 -0.52 12.45
N LEU C 76 -17.45 -1.18 13.02
CA LEU C 76 -17.51 -1.59 14.42
C LEU C 76 -17.49 -0.38 15.36
N TYR C 77 -16.71 0.65 14.98
CA TYR C 77 -16.70 1.88 15.76
C TYR C 77 -18.05 2.57 15.72
N PHE C 78 -18.70 2.59 14.55
CA PHE C 78 -20.02 3.21 14.46
C PHE C 78 -21.07 2.43 15.23
N LEU C 79 -20.96 1.09 15.23
CA LEU C 79 -21.86 0.24 16.01
C LEU C 79 -21.77 0.54 17.49
N TYR C 80 -20.56 0.53 18.05
CA TYR C 80 -20.40 0.83 19.47
C TYR C 80 -20.76 2.28 19.77
N GLN C 81 -20.45 3.20 18.86
CA GLN C 81 -20.63 4.62 19.13
C GLN C 81 -22.10 5.01 19.10
N TYR C 82 -22.94 4.28 18.37
CA TYR C 82 -24.33 4.69 18.28
C TYR C 82 -25.33 3.75 18.93
N SER C 83 -24.95 2.51 19.25
CA SER C 83 -25.88 1.62 19.94
C SER C 83 -26.17 2.09 21.36
N THR C 84 -25.12 2.40 22.13
CA THR C 84 -25.33 2.83 23.50
C THR C 84 -25.90 4.24 23.56
N ARG C 85 -25.69 5.03 22.51
CA ARG C 85 -26.29 6.37 22.47
C ARG C 85 -27.77 6.29 22.09
N LEU C 86 -28.15 5.27 21.31
CA LEU C 86 -29.57 4.98 21.14
C LEU C 86 -30.17 4.50 22.45
N GLU C 87 -29.38 3.75 23.23
CA GLU C 87 -29.89 3.22 24.50
C GLU C 87 -30.08 4.34 25.52
N THR C 88 -29.18 5.31 25.54
CA THR C 88 -29.31 6.40 26.51
C THR C 88 -30.32 7.46 26.08
N GLY C 89 -30.64 7.56 24.79
CA GLY C 89 -31.57 8.54 24.31
C GLY C 89 -32.92 7.96 23.95
N ALA C 90 -33.96 8.32 24.71
CA ALA C 90 -35.35 7.86 24.58
C ALA C 90 -35.50 6.35 24.70
N PHE C 91 -34.52 5.67 25.31
CA PHE C 91 -34.61 4.24 25.54
C PHE C 91 -34.04 3.84 26.90
N ASP C 92 -34.10 4.74 27.90
CA ASP C 92 -33.52 4.44 29.20
C ASP C 92 -34.26 3.32 29.92
N GLY C 93 -35.60 3.30 29.81
CA GLY C 93 -36.38 2.16 30.21
C GLY C 93 -36.58 1.20 29.03
N ARG C 94 -37.51 0.26 29.25
CA ARG C 94 -37.93 -0.80 28.33
C ARG C 94 -36.82 -1.45 27.49
N PRO C 95 -35.93 -2.24 28.11
CA PRO C 95 -34.92 -2.93 27.31
C PRO C 95 -35.47 -4.08 26.49
N ALA C 96 -36.62 -4.63 26.90
CA ALA C 96 -37.22 -5.76 26.18
C ALA C 96 -37.72 -5.33 24.81
N ASP C 97 -38.27 -4.13 24.72
CA ASP C 97 -38.72 -3.62 23.42
C ASP C 97 -37.53 -3.28 22.53
N TYR C 98 -36.40 -2.91 23.14
CA TYR C 98 -35.17 -2.71 22.38
C TYR C 98 -34.66 -4.04 21.82
N LEU C 99 -34.79 -5.11 22.61
CA LEU C 99 -34.40 -6.43 22.12
C LEU C 99 -35.34 -6.92 21.03
N PHE C 100 -36.62 -6.56 21.15
CA PHE C 100 -37.59 -6.88 20.10
C PHE C 100 -37.29 -6.11 18.82
N MET C 101 -36.83 -4.86 18.96
CA MET C 101 -36.39 -4.08 17.81
C MET C 101 -35.19 -4.71 17.15
N LEU C 102 -34.25 -5.20 17.95
CA LEU C 102 -33.06 -5.84 17.40
C LEU C 102 -33.38 -7.21 16.81
N LEU C 103 -34.54 -7.79 17.15
CA LEU C 103 -34.97 -9.02 16.50
C LEU C 103 -35.76 -8.76 15.22
N PHE C 104 -36.59 -7.71 15.17
CA PHE C 104 -37.54 -7.52 14.09
C PHE C 104 -36.90 -7.21 12.76
N ASN C 105 -35.90 -6.33 12.75
CA ASN C 105 -35.20 -6.05 11.51
C ASN C 105 -34.37 -7.24 11.04
N TRP C 106 -33.92 -8.07 12.00
CA TRP C 106 -33.20 -9.30 11.63
C TRP C 106 -34.12 -10.30 10.95
N ILE C 107 -35.33 -10.52 11.48
CA ILE C 107 -36.21 -11.54 10.91
C ILE C 107 -36.83 -11.14 9.57
N CYS C 108 -36.61 -9.91 9.11
CA CYS C 108 -36.96 -9.52 7.75
C CYS C 108 -35.73 -9.37 6.85
N ILE C 109 -34.59 -8.98 7.41
CA ILE C 109 -33.40 -8.85 6.60
C ILE C 109 -32.85 -10.22 6.24
N VAL C 110 -33.16 -11.24 7.04
CA VAL C 110 -32.76 -12.60 6.65
C VAL C 110 -33.60 -13.08 5.46
N ILE C 111 -34.85 -12.61 5.35
CA ILE C 111 -35.69 -13.01 4.23
C ILE C 111 -35.26 -12.29 2.97
N THR C 112 -35.06 -10.97 3.05
CA THR C 112 -34.70 -10.22 1.85
C THR C 112 -33.25 -10.48 1.45
N GLY C 113 -32.44 -10.99 2.38
CA GLY C 113 -31.12 -11.46 1.99
C GLY C 113 -31.13 -12.87 1.45
N LEU C 114 -32.13 -13.67 1.85
CA LEU C 114 -32.25 -15.02 1.29
C LEU C 114 -32.77 -14.97 -0.14
N ALA C 115 -33.63 -13.99 -0.44
CA ALA C 115 -34.11 -13.83 -1.81
C ALA C 115 -32.99 -13.31 -2.71
N MET C 116 -32.23 -12.33 -2.24
CA MET C 116 -31.12 -11.79 -3.01
C MET C 116 -29.88 -12.66 -2.73
N ASP C 117 -28.72 -12.21 -3.18
CA ASP C 117 -27.50 -13.01 -3.10
C ASP C 117 -26.47 -12.39 -2.16
N MET C 118 -26.89 -11.91 -1.00
CA MET C 118 -25.94 -11.36 -0.04
C MET C 118 -25.53 -12.44 0.95
N GLN C 119 -24.30 -12.32 1.47
CA GLN C 119 -23.69 -13.36 2.29
C GLN C 119 -23.45 -12.92 3.73
N LEU C 120 -22.77 -11.80 3.94
CA LEU C 120 -22.32 -11.39 5.27
C LEU C 120 -23.21 -10.25 5.74
N LEU C 121 -24.21 -10.60 6.54
CA LEU C 121 -25.25 -9.64 6.94
C LEU C 121 -24.86 -8.95 8.24
N MET C 122 -23.66 -8.37 8.27
CA MET C 122 -23.22 -7.60 9.43
C MET C 122 -23.40 -6.11 9.21
N ILE C 123 -23.01 -5.60 8.04
CA ILE C 123 -23.12 -4.16 7.77
C ILE C 123 -24.56 -3.64 7.74
N PRO C 124 -25.53 -4.27 7.02
CA PRO C 124 -26.84 -3.61 6.91
C PRO C 124 -27.63 -3.57 8.21
N LEU C 125 -27.37 -4.47 9.16
CA LEU C 125 -28.07 -4.38 10.43
C LEU C 125 -27.54 -3.22 11.27
N ILE C 126 -26.23 -2.97 11.19
CA ILE C 126 -25.63 -1.84 11.89
C ILE C 126 -26.13 -0.53 11.29
N MET C 127 -26.26 -0.47 9.96
CA MET C 127 -26.81 0.76 9.42
C MET C 127 -28.31 0.85 9.59
N SER C 128 -29.00 -0.27 9.80
CA SER C 128 -30.41 -0.23 10.18
C SER C 128 -30.60 0.43 11.53
N VAL C 129 -29.82 0.02 12.53
CA VAL C 129 -30.00 0.62 13.86
C VAL C 129 -29.47 2.06 13.87
N LEU C 130 -28.47 2.37 13.04
CA LEU C 130 -28.00 3.74 12.89
C LEU C 130 -29.08 4.63 12.28
N TYR C 131 -29.79 4.10 11.27
CA TYR C 131 -30.86 4.86 10.63
C TYR C 131 -32.05 5.05 11.55
N VAL C 132 -32.34 4.05 12.38
CA VAL C 132 -33.42 4.16 13.36
C VAL C 132 -33.06 5.19 14.42
N TRP C 133 -31.77 5.29 14.76
CA TRP C 133 -31.33 6.38 15.64
C TRP C 133 -31.49 7.73 14.97
N ALA C 134 -31.11 7.83 13.68
CA ALA C 134 -31.13 9.12 13.00
C ALA C 134 -32.55 9.62 12.75
N GLN C 135 -33.52 8.70 12.67
CA GLN C 135 -34.88 9.11 12.35
C GLN C 135 -35.57 9.82 13.50
N LEU C 136 -35.20 9.51 14.74
CA LEU C 136 -35.82 10.15 15.90
C LEU C 136 -34.86 11.08 16.65
N ASN C 137 -33.77 11.51 16.01
CA ASN C 137 -32.79 12.38 16.64
C ASN C 137 -32.53 13.59 15.76
N ARG C 138 -33.60 14.26 15.34
CA ARG C 138 -33.47 15.43 14.48
C ARG C 138 -32.87 16.61 15.25
N ASP C 139 -32.37 17.57 14.47
CA ASP C 139 -31.74 18.87 14.74
C ASP C 139 -30.41 18.80 15.50
N MET C 140 -29.91 17.61 15.84
CA MET C 140 -28.57 17.48 16.41
C MET C 140 -27.53 17.62 15.30
N ILE C 141 -26.63 18.58 15.47
CA ILE C 141 -25.67 18.94 14.42
C ILE C 141 -24.28 18.44 14.79
N VAL C 142 -23.98 18.39 16.08
CA VAL C 142 -22.64 18.00 16.52
C VAL C 142 -22.48 16.49 16.35
N SER C 143 -21.84 16.09 15.25
CA SER C 143 -21.65 14.68 14.93
C SER C 143 -20.17 14.30 14.89
N PHE C 144 -19.37 14.98 14.07
CA PHE C 144 -17.95 14.67 13.94
C PHE C 144 -17.12 15.59 14.82
N TRP C 145 -15.91 15.14 15.14
CA TRP C 145 -14.98 15.98 15.89
C TRP C 145 -14.39 17.07 15.00
N PHE C 146 -14.32 16.81 13.70
CA PHE C 146 -13.85 17.82 12.75
C PHE C 146 -15.02 18.46 12.03
N GLY C 147 -15.88 17.65 11.42
CA GLY C 147 -17.04 18.13 10.72
C GLY C 147 -18.26 18.31 11.60
N THR C 148 -18.26 19.37 12.42
CA THR C 148 -19.35 19.59 13.36
C THR C 148 -20.59 20.18 12.69
N ARG C 149 -20.53 20.52 11.41
CA ARG C 149 -21.64 21.13 10.71
C ARG C 149 -22.54 20.12 10.01
N PHE C 150 -22.38 18.84 10.30
CA PHE C 150 -23.21 17.81 9.69
C PHE C 150 -24.63 17.86 10.22
N LYS C 151 -25.60 18.12 9.35
CA LYS C 151 -27.00 18.17 9.77
C LYS C 151 -27.51 16.77 10.09
N ALA C 152 -28.57 16.71 10.90
CA ALA C 152 -29.19 15.44 11.29
C ALA C 152 -29.81 14.74 10.09
N CYS C 153 -30.13 13.45 10.28
CA CYS C 153 -30.62 12.49 9.26
C CYS C 153 -29.87 12.57 7.93
N TYR C 154 -28.55 12.79 8.00
CA TYR C 154 -27.67 12.66 6.85
C TYR C 154 -26.60 11.60 7.00
N LEU C 155 -26.30 11.19 8.24
CA LEU C 155 -25.24 10.22 8.50
C LEU C 155 -25.42 8.83 7.89
N PRO C 156 -26.65 8.26 7.74
CA PRO C 156 -26.77 7.03 6.94
C PRO C 156 -26.31 7.16 5.50
N TRP C 157 -26.54 8.31 4.87
CA TRP C 157 -26.10 8.48 3.49
C TRP C 157 -24.59 8.64 3.40
N VAL C 158 -23.96 9.22 4.43
CA VAL C 158 -22.52 9.37 4.33
C VAL C 158 -21.80 8.08 4.72
N ILE C 159 -22.40 7.23 5.56
CA ILE C 159 -21.75 5.95 5.80
C ILE C 159 -22.01 5.01 4.62
N LEU C 160 -23.13 5.22 3.91
CA LEU C 160 -23.35 4.54 2.64
C LEU C 160 -22.32 4.98 1.61
N GLY C 161 -21.95 6.26 1.63
CA GLY C 161 -20.90 6.74 0.75
C GLY C 161 -19.53 6.18 1.09
N PHE C 162 -19.25 6.01 2.38
CA PHE C 162 -18.00 5.39 2.79
C PHE C 162 -17.92 3.93 2.36
N ASN C 163 -19.03 3.19 2.52
CA ASN C 163 -19.05 1.81 2.05
C ASN C 163 -19.07 1.72 0.54
N TYR C 164 -19.48 2.80 -0.14
CA TYR C 164 -19.48 2.80 -1.60
C TYR C 164 -18.10 3.10 -2.17
N ILE C 165 -17.32 3.94 -1.48
CA ILE C 165 -16.00 4.28 -1.98
C ILE C 165 -14.96 3.24 -1.55
N ILE C 166 -14.92 2.90 -0.27
CA ILE C 166 -13.90 1.99 0.24
C ILE C 166 -14.32 0.53 0.07
N GLY C 167 -15.58 0.21 0.35
CA GLY C 167 -16.03 -1.16 0.32
C GLY C 167 -16.44 -1.59 -1.07
N GLY C 168 -17.45 -2.45 -1.13
CA GLY C 168 -17.85 -3.05 -2.38
C GLY C 168 -19.19 -2.61 -2.91
N SER C 169 -20.22 -3.43 -2.69
CA SER C 169 -21.52 -3.24 -3.31
C SER C 169 -22.30 -2.10 -2.67
N VAL C 170 -23.44 -1.76 -3.26
CA VAL C 170 -24.32 -0.75 -2.73
C VAL C 170 -25.73 -1.29 -2.47
N ILE C 171 -26.09 -2.44 -3.06
CA ILE C 171 -27.45 -2.96 -2.95
C ILE C 171 -27.70 -3.55 -1.55
N ASN C 172 -26.63 -3.81 -0.80
CA ASN C 172 -26.80 -4.38 0.54
C ASN C 172 -27.23 -3.33 1.56
N GLU C 173 -26.77 -2.09 1.42
CA GLU C 173 -27.06 -1.11 2.46
C GLU C 173 -28.43 -0.45 2.27
N LEU C 174 -28.92 -0.38 1.03
CA LEU C 174 -30.20 0.28 0.79
C LEU C 174 -31.36 -0.52 1.35
N ILE C 175 -31.26 -1.85 1.34
CA ILE C 175 -32.33 -2.64 1.92
C ILE C 175 -32.29 -2.56 3.45
N GLY C 176 -31.11 -2.31 4.03
CA GLY C 176 -31.04 -2.05 5.46
C GLY C 176 -31.70 -0.74 5.84
N ASN C 177 -31.43 0.31 5.05
CA ASN C 177 -32.11 1.58 5.26
C ASN C 177 -33.62 1.44 5.03
N LEU C 178 -34.01 0.58 4.08
CA LEU C 178 -35.42 0.37 3.78
C LEU C 178 -36.14 -0.33 4.93
N VAL C 179 -35.51 -1.35 5.51
CA VAL C 179 -36.18 -2.05 6.60
C VAL C 179 -36.15 -1.19 7.87
N GLY C 180 -35.16 -0.30 8.00
CA GLY C 180 -35.19 0.66 9.09
C GLY C 180 -36.33 1.65 8.97
N HIS C 181 -36.57 2.15 7.76
CA HIS C 181 -37.72 3.03 7.52
C HIS C 181 -39.03 2.28 7.70
N LEU C 182 -39.06 1.00 7.33
CA LEU C 182 -40.24 0.16 7.51
C LEU C 182 -40.60 0.02 8.97
N TYR C 183 -39.61 -0.30 9.81
CA TYR C 183 -39.86 -0.40 11.25
C TYR C 183 -40.25 0.95 11.84
N PHE C 184 -39.63 2.03 11.35
CA PHE C 184 -39.91 3.36 11.87
C PHE C 184 -41.37 3.75 11.64
N PHE C 185 -41.85 3.53 10.41
CA PHE C 185 -43.23 3.89 10.10
C PHE C 185 -44.22 2.91 10.74
N LEU C 186 -43.86 1.63 10.82
CA LEU C 186 -44.79 0.65 11.37
C LEU C 186 -44.79 0.65 12.89
N MET C 187 -43.84 1.34 13.52
CA MET C 187 -43.85 1.41 14.96
C MET C 187 -44.32 2.76 15.50
N PHE C 188 -44.08 3.87 14.78
CA PHE C 188 -44.57 5.16 15.26
C PHE C 188 -45.83 5.62 14.55
N ARG C 189 -46.61 4.70 13.96
CA ARG C 189 -47.94 5.05 13.48
C ARG C 189 -49.04 4.05 13.84
N TYR C 190 -48.75 2.76 13.99
CA TYR C 190 -49.79 1.76 14.08
C TYR C 190 -49.65 0.91 15.33
N PRO C 191 -50.77 0.52 15.96
CA PRO C 191 -50.70 -0.28 17.18
C PRO C 191 -50.52 -1.77 16.94
N MET C 192 -50.65 -2.56 18.01
CA MET C 192 -50.59 -4.02 18.03
C MET C 192 -49.23 -4.56 17.60
N ASP C 193 -48.15 -3.88 17.99
CA ASP C 193 -46.79 -4.37 17.76
C ASP C 193 -45.97 -4.17 19.02
N LEU C 194 -46.53 -4.56 20.18
CA LEU C 194 -45.90 -4.24 21.46
C LEU C 194 -44.65 -5.10 21.70
N GLY C 195 -44.81 -6.40 21.69
CA GLY C 195 -43.67 -7.27 21.92
C GLY C 195 -44.11 -8.69 22.16
N GLY C 196 -43.43 -9.34 23.10
CA GLY C 196 -43.72 -10.72 23.44
C GLY C 196 -43.83 -10.90 24.93
N ARG C 197 -44.40 -12.05 25.31
CA ARG C 197 -44.57 -12.40 26.72
C ARG C 197 -43.25 -12.90 27.28
N ASN C 198 -43.24 -13.17 28.58
CA ASN C 198 -42.08 -13.62 29.36
C ASN C 198 -40.88 -12.68 29.23
N PHE C 199 -41.14 -11.38 29.13
CA PHE C 199 -40.05 -10.40 28.98
C PHE C 199 -39.38 -10.15 30.32
N LEU C 200 -38.07 -9.98 30.29
CA LEU C 200 -37.28 -9.72 31.50
C LEU C 200 -37.13 -8.22 31.73
N SER C 201 -38.27 -7.53 31.78
CA SER C 201 -38.28 -6.08 31.98
C SER C 201 -38.14 -5.73 33.45
N PHE D 8 -23.93 18.72 -5.61
CA PHE D 8 -24.14 20.02 -4.98
C PHE D 8 -24.95 20.90 -5.91
N ARG D 9 -26.26 20.64 -5.98
CA ARG D 9 -27.15 21.45 -6.82
C ARG D 9 -27.53 22.74 -6.12
N SER D 10 -26.60 23.70 -6.09
CA SER D 10 -26.88 25.00 -5.49
C SER D 10 -26.39 26.14 -6.37
N ILE D 11 -26.52 25.98 -7.69
CA ILE D 11 -25.99 26.86 -8.75
C ILE D 11 -24.50 27.13 -8.54
N PRO D 12 -23.58 26.17 -8.80
CA PRO D 12 -22.16 26.51 -8.73
C PRO D 12 -21.63 27.13 -10.01
N ALA D 13 -22.22 26.76 -11.15
CA ALA D 13 -21.74 27.16 -12.46
C ALA D 13 -22.82 26.83 -13.47
N ILE D 14 -22.45 26.95 -14.75
CA ILE D 14 -23.41 26.70 -15.83
C ILE D 14 -23.36 25.23 -16.24
N THR D 15 -22.15 24.69 -16.45
CA THR D 15 -22.03 23.31 -16.89
C THR D 15 -21.77 22.39 -15.69
N ARG D 16 -22.80 22.16 -14.90
CA ARG D 16 -22.78 21.14 -13.86
C ARG D 16 -23.48 19.86 -14.30
N TYR D 17 -24.07 19.87 -15.51
CA TYR D 17 -24.66 18.68 -16.09
C TYR D 17 -23.62 17.58 -16.29
N TRP D 18 -22.39 17.99 -16.65
CA TRP D 18 -21.26 17.08 -16.76
C TRP D 18 -20.96 16.41 -15.42
N PHE D 19 -20.94 17.19 -14.35
CA PHE D 19 -20.63 16.67 -13.03
C PHE D 19 -21.75 15.74 -12.54
N ALA D 20 -23.00 16.10 -12.87
CA ALA D 20 -24.13 15.24 -12.51
C ALA D 20 -24.09 13.92 -13.28
N ALA D 21 -23.68 13.96 -14.55
CA ALA D 21 -23.54 12.73 -15.32
C ALA D 21 -22.42 11.85 -14.77
N THR D 22 -21.28 12.46 -14.42
CA THR D 22 -20.16 11.64 -13.96
C THR D 22 -20.35 11.16 -12.52
N VAL D 23 -21.31 11.73 -11.79
CA VAL D 23 -21.64 11.15 -10.49
C VAL D 23 -22.82 10.18 -10.60
N ALA D 24 -23.61 10.26 -11.66
CA ALA D 24 -24.80 9.42 -11.74
C ALA D 24 -24.58 8.12 -12.49
N VAL D 25 -23.79 8.14 -13.56
CA VAL D 25 -23.59 6.97 -14.42
C VAL D 25 -22.86 5.81 -13.73
N PRO D 26 -21.82 6.01 -12.89
CA PRO D 26 -21.32 4.86 -12.13
C PRO D 26 -22.30 4.33 -11.09
N LEU D 27 -23.28 5.13 -10.66
CA LEU D 27 -24.29 4.60 -9.76
C LEU D 27 -25.31 3.73 -10.47
N VAL D 28 -25.60 3.99 -11.74
CA VAL D 28 -26.48 3.10 -12.50
C VAL D 28 -25.69 1.93 -13.07
N GLY D 29 -24.36 2.03 -13.11
CA GLY D 29 -23.54 0.90 -13.51
C GLY D 29 -23.31 -0.09 -12.39
N LYS D 30 -22.94 0.41 -11.21
CA LYS D 30 -22.49 -0.47 -10.13
C LYS D 30 -23.67 -1.20 -9.48
N LEU D 31 -24.85 -0.59 -9.51
CA LEU D 31 -25.99 -1.15 -8.79
C LEU D 31 -26.53 -2.40 -9.46
N GLY D 32 -26.27 -2.59 -10.75
CA GLY D 32 -26.66 -3.79 -11.44
C GLY D 32 -27.86 -3.67 -12.36
N LEU D 33 -28.26 -2.45 -12.73
CA LEU D 33 -29.33 -2.30 -13.73
C LEU D 33 -28.84 -2.72 -15.11
N ILE D 34 -27.67 -2.24 -15.51
CA ILE D 34 -27.08 -2.59 -16.80
C ILE D 34 -25.78 -3.33 -16.52
N SER D 35 -25.58 -4.46 -17.20
CA SER D 35 -24.30 -5.15 -17.13
C SER D 35 -23.24 -4.28 -17.79
N PRO D 36 -22.11 -4.02 -17.13
CA PRO D 36 -21.14 -3.04 -17.66
C PRO D 36 -20.33 -3.53 -18.85
N ALA D 37 -20.64 -4.69 -19.43
CA ALA D 37 -19.96 -5.13 -20.64
C ALA D 37 -20.36 -4.30 -21.85
N TYR D 38 -21.54 -3.66 -21.80
CA TYR D 38 -22.00 -2.78 -22.87
C TYR D 38 -21.37 -1.40 -22.83
N LEU D 39 -20.45 -1.12 -21.90
CA LEU D 39 -19.86 0.22 -21.76
C LEU D 39 -18.35 0.04 -21.68
N PHE D 40 -17.70 -0.11 -22.83
CA PHE D 40 -16.24 -0.17 -22.81
C PHE D 40 -15.54 0.52 -23.98
N LEU D 41 -16.26 1.02 -24.99
CA LEU D 41 -15.72 1.60 -26.21
C LEU D 41 -14.76 0.63 -26.91
N TRP D 42 -15.34 -0.44 -27.41
CA TRP D 42 -14.59 -1.41 -28.22
C TRP D 42 -14.39 -0.87 -29.63
N PRO D 43 -13.16 -0.61 -30.07
CA PRO D 43 -12.96 -0.20 -31.47
C PRO D 43 -13.18 -1.33 -32.44
N GLU D 44 -13.00 -2.58 -31.99
CA GLU D 44 -13.28 -3.73 -32.85
C GLU D 44 -14.78 -3.89 -33.08
N ALA D 45 -15.59 -3.46 -32.11
CA ALA D 45 -17.03 -3.41 -32.31
C ALA D 45 -17.50 -2.08 -32.86
N PHE D 46 -16.58 -1.12 -33.04
CA PHE D 46 -16.90 0.14 -33.67
C PHE D 46 -16.44 0.21 -35.12
N LEU D 47 -15.63 -0.75 -35.56
CA LEU D 47 -15.11 -0.72 -36.93
C LEU D 47 -16.17 -1.15 -37.94
N TYR D 48 -16.72 -2.36 -37.77
CA TYR D 48 -17.67 -2.91 -38.72
C TYR D 48 -19.11 -2.74 -38.26
N ARG D 49 -19.44 -3.22 -37.07
CA ARG D 49 -20.74 -2.91 -36.48
C ARG D 49 -20.77 -1.45 -36.08
N PHE D 50 -21.95 -0.81 -36.21
CA PHE D 50 -22.02 0.63 -36.01
C PHE D 50 -21.94 0.97 -34.52
N GLN D 51 -22.96 0.57 -33.75
CA GLN D 51 -22.95 0.51 -32.28
C GLN D 51 -22.62 1.87 -31.64
N ILE D 52 -23.58 2.80 -31.79
CA ILE D 52 -23.36 4.22 -31.50
C ILE D 52 -23.48 4.48 -29.99
N TRP D 53 -23.69 3.42 -29.20
CA TRP D 53 -23.79 3.57 -27.75
C TRP D 53 -22.46 3.96 -27.14
N ARG D 54 -21.39 3.26 -27.53
CA ARG D 54 -20.13 3.27 -26.78
C ARG D 54 -19.40 4.62 -26.72
N PRO D 55 -19.15 5.37 -27.82
CA PRO D 55 -18.30 6.56 -27.67
C PRO D 55 -18.97 7.74 -26.98
N ILE D 56 -20.24 7.62 -26.61
CA ILE D 56 -20.85 8.60 -25.72
C ILE D 56 -21.09 8.02 -24.33
N THR D 57 -21.30 6.71 -24.21
CA THR D 57 -21.55 6.19 -22.87
C THR D 57 -20.26 5.83 -22.15
N ALA D 58 -19.12 5.86 -22.83
CA ALA D 58 -17.87 5.48 -22.19
C ALA D 58 -17.13 6.69 -21.63
N THR D 59 -17.46 7.90 -22.08
CA THR D 59 -16.76 9.07 -21.59
C THR D 59 -17.28 9.54 -20.25
N PHE D 60 -18.35 8.94 -19.74
CA PHE D 60 -18.93 9.33 -18.47
C PHE D 60 -18.85 8.24 -17.41
N TYR D 61 -18.72 6.98 -17.81
CA TYR D 61 -18.69 5.86 -16.89
C TYR D 61 -17.27 5.56 -16.44
N PHE D 62 -17.10 5.32 -15.15
CA PHE D 62 -15.81 4.90 -14.60
C PHE D 62 -16.04 3.71 -13.67
N PRO D 63 -15.25 2.64 -13.78
CA PRO D 63 -15.49 1.47 -12.94
C PRO D 63 -14.93 1.67 -11.54
N VAL D 64 -15.66 1.17 -10.56
CA VAL D 64 -15.31 1.32 -9.15
C VAL D 64 -15.06 -0.06 -8.57
N GLY D 65 -13.89 -0.21 -7.93
CA GLY D 65 -13.55 -1.43 -7.24
C GLY D 65 -12.87 -1.13 -5.92
N PRO D 66 -12.94 -2.09 -4.98
CA PRO D 66 -12.31 -1.88 -3.68
C PRO D 66 -10.79 -1.93 -3.75
N GLY D 67 -10.19 -0.82 -4.14
CA GLY D 67 -8.77 -0.74 -4.39
C GLY D 67 -8.49 0.19 -5.54
N THR D 68 -9.49 0.41 -6.38
CA THR D 68 -9.52 1.55 -7.31
C THR D 68 -10.70 2.42 -6.90
N GLY D 69 -10.46 3.27 -5.90
CA GLY D 69 -11.53 4.07 -5.32
C GLY D 69 -11.02 5.42 -4.87
N PHE D 70 -9.77 5.72 -5.18
CA PHE D 70 -9.20 7.02 -4.90
C PHE D 70 -8.87 7.80 -6.16
N LEU D 71 -8.55 7.11 -7.25
CA LEU D 71 -8.40 7.77 -8.55
C LEU D 71 -9.69 8.42 -8.99
N TYR D 72 -10.82 7.74 -8.76
CA TYR D 72 -12.13 8.29 -9.11
C TYR D 72 -12.44 9.54 -8.31
N LEU D 73 -12.16 9.50 -7.00
CA LEU D 73 -12.46 10.64 -6.14
C LEU D 73 -11.56 11.82 -6.45
N VAL D 74 -10.28 11.57 -6.72
CA VAL D 74 -9.38 12.68 -6.99
C VAL D 74 -9.62 13.24 -8.39
N ASN D 75 -10.11 12.41 -9.31
CA ASN D 75 -10.43 12.94 -10.64
C ASN D 75 -11.71 13.75 -10.61
N LEU D 76 -12.68 13.34 -9.80
CA LEU D 76 -13.88 14.13 -9.62
C LEU D 76 -13.57 15.44 -8.90
N TYR D 77 -12.60 15.42 -7.98
CA TYR D 77 -12.19 16.65 -7.33
C TYR D 77 -11.49 17.58 -8.31
N PHE D 78 -10.63 17.04 -9.18
CA PHE D 78 -10.00 17.84 -10.23
C PHE D 78 -11.02 18.46 -11.16
N LEU D 79 -12.05 17.68 -11.50
CA LEU D 79 -13.13 18.16 -12.37
C LEU D 79 -13.86 19.34 -11.73
N TYR D 80 -14.38 19.14 -10.50
CA TYR D 80 -15.18 20.18 -9.85
C TYR D 80 -14.33 21.39 -9.50
N GLN D 81 -13.07 21.18 -9.13
CA GLN D 81 -12.24 22.30 -8.71
C GLN D 81 -11.75 23.13 -9.89
N TYR D 82 -11.35 22.48 -10.99
CA TYR D 82 -10.66 23.19 -12.05
C TYR D 82 -11.50 23.44 -13.28
N SER D 83 -12.70 22.89 -13.39
CA SER D 83 -13.60 23.32 -14.45
C SER D 83 -14.36 24.57 -14.08
N THR D 84 -14.80 24.69 -12.82
CA THR D 84 -15.55 25.86 -12.39
C THR D 84 -14.68 27.11 -12.26
N ARG D 85 -13.36 26.95 -12.12
CA ARG D 85 -12.48 28.11 -12.15
C ARG D 85 -12.48 28.77 -13.52
N LEU D 86 -12.58 27.97 -14.58
CA LEU D 86 -12.81 28.54 -15.90
C LEU D 86 -14.21 29.12 -16.02
N GLU D 87 -15.17 28.56 -15.28
CA GLU D 87 -16.54 29.06 -15.32
C GLU D 87 -16.64 30.45 -14.71
N THR D 88 -15.83 30.71 -13.69
CA THR D 88 -15.78 32.06 -13.13
C THR D 88 -14.67 32.92 -13.74
N GLY D 89 -13.83 32.36 -14.60
CA GLY D 89 -12.74 33.14 -15.17
C GLY D 89 -12.68 33.25 -16.68
N ALA D 90 -13.20 32.26 -17.38
CA ALA D 90 -13.11 32.27 -18.84
C ALA D 90 -14.45 32.06 -19.52
N PHE D 91 -15.34 31.25 -18.94
CA PHE D 91 -16.72 31.05 -19.41
C PHE D 91 -17.63 32.28 -19.17
N ASP D 92 -17.13 33.43 -18.73
CA ASP D 92 -17.96 34.55 -18.30
C ASP D 92 -18.63 35.20 -19.51
N GLY D 93 -19.82 34.72 -19.85
CA GLY D 93 -20.42 35.02 -21.13
C GLY D 93 -19.83 34.14 -22.21
N ARG D 94 -20.38 34.32 -23.43
CA ARG D 94 -20.13 33.61 -24.69
C ARG D 94 -19.83 32.11 -24.53
N PRO D 95 -20.67 31.35 -23.82
CA PRO D 95 -20.24 30.01 -23.38
C PRO D 95 -20.20 28.97 -24.50
N ALA D 96 -20.72 29.32 -25.69
CA ALA D 96 -20.61 28.45 -26.85
C ALA D 96 -19.15 28.25 -27.25
N ASP D 97 -18.32 29.27 -27.03
CA ASP D 97 -16.89 29.19 -27.28
C ASP D 97 -16.21 28.10 -26.45
N TYR D 98 -16.55 28.03 -25.16
CA TYR D 98 -15.86 27.08 -24.30
C TYR D 98 -16.54 25.72 -24.34
N LEU D 99 -17.80 25.66 -24.74
CA LEU D 99 -18.39 24.39 -25.12
C LEU D 99 -17.73 23.82 -26.37
N PHE D 100 -17.37 24.71 -27.31
CA PHE D 100 -16.60 24.31 -28.48
C PHE D 100 -15.21 23.84 -28.07
N MET D 101 -14.63 24.47 -27.04
CA MET D 101 -13.37 23.99 -26.47
C MET D 101 -13.50 22.57 -25.92
N LEU D 102 -14.53 22.35 -25.10
CA LEU D 102 -14.70 21.07 -24.43
C LEU D 102 -15.10 19.96 -25.40
N LEU D 103 -15.73 20.30 -26.53
CA LEU D 103 -16.09 19.28 -27.52
C LEU D 103 -14.91 18.94 -28.42
N PHE D 104 -13.98 19.88 -28.59
CA PHE D 104 -12.87 19.71 -29.52
C PHE D 104 -11.91 18.64 -29.03
N ASN D 105 -11.39 18.78 -27.81
CA ASN D 105 -10.49 17.78 -27.28
C ASN D 105 -11.22 16.48 -26.97
N TRP D 106 -12.54 16.53 -26.81
CA TRP D 106 -13.37 15.35 -26.70
C TRP D 106 -13.29 14.50 -27.96
N ILE D 107 -13.58 15.10 -29.11
CA ILE D 107 -13.58 14.32 -30.35
C ILE D 107 -12.15 13.95 -30.78
N CYS D 108 -11.16 14.80 -30.42
CA CYS D 108 -9.78 14.46 -30.72
C CYS D 108 -9.28 13.27 -29.91
N ILE D 109 -9.63 13.22 -28.62
CA ILE D 109 -9.16 12.09 -27.81
C ILE D 109 -10.01 10.84 -28.08
N VAL D 110 -11.22 11.03 -28.61
CA VAL D 110 -11.97 9.88 -29.14
C VAL D 110 -11.26 9.27 -30.34
N ILE D 111 -10.83 10.11 -31.29
CA ILE D 111 -10.23 9.55 -32.50
C ILE D 111 -8.81 9.03 -32.21
N THR D 112 -8.12 9.60 -31.23
CA THR D 112 -6.81 9.06 -30.89
C THR D 112 -6.88 7.90 -29.90
N GLY D 113 -8.01 7.71 -29.22
CA GLY D 113 -8.21 6.48 -28.49
C GLY D 113 -8.68 5.37 -29.41
N LEU D 114 -9.25 5.74 -30.55
CA LEU D 114 -9.39 4.75 -31.63
C LEU D 114 -8.04 4.44 -32.27
N ALA D 115 -7.14 5.43 -32.32
CA ALA D 115 -5.80 5.15 -32.81
C ALA D 115 -5.01 4.30 -31.81
N MET D 116 -5.26 4.48 -30.52
CA MET D 116 -4.76 3.59 -29.49
C MET D 116 -5.80 2.49 -29.28
N ASP D 117 -5.68 1.75 -28.19
CA ASP D 117 -6.70 0.80 -27.79
C ASP D 117 -7.20 1.05 -26.37
N MET D 118 -7.14 2.29 -25.91
CA MET D 118 -7.57 2.60 -24.55
C MET D 118 -9.09 2.72 -24.48
N GLN D 119 -9.64 2.26 -23.36
CA GLN D 119 -11.06 1.92 -23.31
C GLN D 119 -11.87 2.71 -22.29
N LEU D 120 -11.25 3.23 -21.24
CA LEU D 120 -11.94 4.05 -20.25
C LEU D 120 -11.54 5.51 -20.45
N LEU D 121 -12.43 6.27 -21.07
CA LEU D 121 -12.12 7.62 -21.55
C LEU D 121 -12.68 8.65 -20.57
N MET D 122 -12.15 8.66 -19.37
CA MET D 122 -12.55 9.72 -18.46
C MET D 122 -11.37 10.51 -17.93
N ILE D 123 -10.25 9.87 -17.69
CA ILE D 123 -9.05 10.57 -17.20
C ILE D 123 -8.48 11.58 -18.18
N PRO D 124 -8.24 11.27 -19.48
CA PRO D 124 -7.50 12.25 -20.31
C PRO D 124 -8.24 13.54 -20.58
N LEU D 125 -9.58 13.53 -20.52
CA LEU D 125 -10.32 14.77 -20.75
C LEU D 125 -10.13 15.74 -19.59
N ILE D 126 -10.19 15.22 -18.36
CA ILE D 126 -9.99 16.06 -17.18
C ILE D 126 -8.54 16.52 -17.10
N MET D 127 -7.60 15.66 -17.50
CA MET D 127 -6.20 16.08 -17.55
C MET D 127 -5.97 17.14 -18.62
N SER D 128 -6.69 17.04 -19.74
CA SER D 128 -6.57 18.03 -20.81
C SER D 128 -7.10 19.39 -20.37
N VAL D 129 -8.26 19.40 -19.71
CA VAL D 129 -8.81 20.69 -19.29
C VAL D 129 -8.00 21.27 -18.12
N LEU D 130 -7.36 20.41 -17.31
CA LEU D 130 -6.47 20.89 -16.27
C LEU D 130 -5.22 21.54 -16.87
N TYR D 131 -4.68 20.91 -17.92
CA TYR D 131 -3.49 21.47 -18.56
C TYR D 131 -3.81 22.76 -19.31
N VAL D 132 -5.01 22.86 -19.89
CA VAL D 132 -5.32 24.10 -20.57
C VAL D 132 -5.64 25.21 -19.57
N TRP D 133 -6.10 24.86 -18.37
CA TRP D 133 -6.21 25.84 -17.29
C TRP D 133 -4.84 26.38 -16.90
N ALA D 134 -3.90 25.45 -16.65
CA ALA D 134 -2.57 25.84 -16.20
C ALA D 134 -1.81 26.59 -17.28
N GLN D 135 -2.14 26.32 -18.55
CA GLN D 135 -1.49 27.05 -19.64
C GLN D 135 -2.13 28.42 -19.87
N LEU D 136 -3.43 28.56 -19.64
CA LEU D 136 -4.04 29.88 -19.67
C LEU D 136 -3.68 30.74 -18.48
N ASN D 137 -3.19 30.15 -17.39
CA ASN D 137 -2.81 30.92 -16.21
C ASN D 137 -1.32 30.79 -15.90
N ARG D 138 -0.49 30.99 -16.91
CA ARG D 138 0.95 31.09 -16.72
C ARG D 138 1.27 32.33 -15.87
N ASP D 139 2.37 32.22 -15.11
CA ASP D 139 2.92 33.25 -14.21
C ASP D 139 1.94 33.56 -13.06
N MET D 140 1.52 32.50 -12.37
CA MET D 140 0.82 32.63 -11.11
C MET D 140 1.78 32.18 -10.00
N ILE D 141 1.88 33.00 -8.95
CA ILE D 141 2.92 32.80 -7.95
C ILE D 141 2.61 31.60 -7.05
N VAL D 142 1.34 31.38 -6.74
CA VAL D 142 0.94 30.31 -5.82
C VAL D 142 0.31 29.18 -6.63
N SER D 143 0.74 27.95 -6.34
CA SER D 143 0.13 26.77 -6.95
C SER D 143 -0.01 25.60 -6.01
N PHE D 144 0.42 25.70 -4.76
CA PHE D 144 0.40 24.57 -3.84
C PHE D 144 0.25 25.10 -2.41
N TRP D 145 0.36 24.20 -1.44
CA TRP D 145 0.18 24.53 -0.04
C TRP D 145 1.30 24.03 0.88
N PHE D 146 2.02 22.98 0.49
CA PHE D 146 3.19 22.58 1.26
C PHE D 146 4.43 23.32 0.77
N GLY D 147 4.80 23.12 -0.50
CA GLY D 147 5.76 23.97 -1.16
C GLY D 147 5.06 25.19 -1.72
N THR D 148 4.76 26.15 -0.83
CA THR D 148 3.84 27.24 -1.11
C THR D 148 4.28 28.19 -2.23
N ARG D 149 5.54 28.11 -2.64
CA ARG D 149 6.00 28.75 -3.87
C ARG D 149 6.21 27.64 -4.90
N PHE D 150 5.50 27.75 -6.02
CA PHE D 150 5.49 26.72 -7.05
C PHE D 150 5.36 27.36 -8.42
N LYS D 151 6.26 26.99 -9.31
CA LYS D 151 6.18 27.43 -10.70
C LYS D 151 5.02 26.72 -11.37
N ALA D 152 4.07 27.49 -11.91
CA ALA D 152 2.84 26.94 -12.47
C ALA D 152 3.10 26.21 -13.78
N CYS D 153 2.04 25.62 -14.31
CA CYS D 153 1.90 24.83 -15.55
C CYS D 153 2.73 23.55 -15.54
N TYR D 154 3.37 23.22 -14.43
CA TYR D 154 4.03 21.94 -14.27
C TYR D 154 3.13 20.91 -13.61
N LEU D 155 1.93 21.32 -13.19
CA LEU D 155 0.97 20.45 -12.50
C LEU D 155 0.61 19.15 -13.24
N PRO D 156 0.33 19.12 -14.56
CA PRO D 156 0.08 17.81 -15.18
C PRO D 156 1.30 16.92 -15.25
N TRP D 157 2.51 17.47 -15.19
CA TRP D 157 3.70 16.63 -15.08
C TRP D 157 3.90 16.13 -13.66
N VAL D 158 3.50 16.92 -12.66
CA VAL D 158 3.51 16.44 -11.28
C VAL D 158 2.49 15.33 -11.09
N ILE D 159 1.40 15.35 -11.87
CA ILE D 159 0.45 14.24 -11.87
C ILE D 159 1.11 12.98 -12.43
N LEU D 160 1.95 13.14 -13.46
CA LEU D 160 2.70 11.99 -13.97
C LEU D 160 3.76 11.51 -12.98
N GLY D 161 4.33 12.43 -12.19
CA GLY D 161 5.25 12.03 -11.15
C GLY D 161 4.59 11.24 -10.05
N PHE D 162 3.39 11.67 -9.64
CA PHE D 162 2.61 10.89 -8.67
C PHE D 162 2.11 9.58 -9.27
N ASN D 163 1.97 9.52 -10.59
CA ASN D 163 1.69 8.25 -11.23
C ASN D 163 2.89 7.32 -11.18
N TYR D 164 4.10 7.85 -11.37
CA TYR D 164 5.30 7.01 -11.24
C TYR D 164 5.56 6.62 -9.80
N ILE D 165 5.02 7.38 -8.84
CA ILE D 165 5.03 6.94 -7.45
C ILE D 165 4.03 5.79 -7.25
N ILE D 166 2.81 5.95 -7.77
CA ILE D 166 1.81 4.89 -7.66
C ILE D 166 2.02 3.76 -8.66
N GLY D 167 2.99 3.90 -9.57
CA GLY D 167 3.24 2.92 -10.60
C GLY D 167 2.40 3.16 -11.85
N GLY D 168 1.13 2.75 -11.80
CA GLY D 168 0.12 2.98 -12.83
C GLY D 168 0.50 2.83 -14.29
N SER D 169 0.14 3.84 -15.08
CA SER D 169 0.49 3.93 -16.49
C SER D 169 0.32 5.37 -16.93
N VAL D 170 1.13 5.77 -17.91
CA VAL D 170 1.12 7.15 -18.38
C VAL D 170 0.37 7.31 -19.71
N ILE D 171 -0.16 6.24 -20.28
CA ILE D 171 -0.90 6.33 -21.53
C ILE D 171 -2.29 6.92 -21.29
N ASN D 172 -2.72 7.01 -20.04
CA ASN D 172 -4.05 7.52 -19.74
C ASN D 172 -4.04 9.02 -19.52
N GLU D 173 -2.88 9.66 -19.63
CA GLU D 173 -2.80 11.09 -19.33
C GLU D 173 -2.07 11.93 -20.38
N LEU D 174 -1.06 11.38 -21.05
CA LEU D 174 -0.21 12.24 -21.88
C LEU D 174 -0.89 12.64 -23.16
N ILE D 175 -1.87 11.85 -23.62
CA ILE D 175 -2.60 12.23 -24.82
C ILE D 175 -3.50 13.43 -24.56
N GLY D 176 -4.10 13.50 -23.36
CA GLY D 176 -4.84 14.69 -22.99
C GLY D 176 -3.92 15.88 -22.75
N ASN D 177 -2.76 15.63 -22.13
CA ASN D 177 -1.81 16.70 -21.90
C ASN D 177 -1.16 17.21 -23.18
N LEU D 178 -1.21 16.42 -24.25
CA LEU D 178 -0.73 16.88 -25.55
C LEU D 178 -1.83 17.58 -26.34
N VAL D 179 -3.08 17.11 -26.22
CA VAL D 179 -4.15 17.75 -26.97
C VAL D 179 -4.51 19.10 -26.36
N GLY D 180 -4.19 19.30 -25.08
CA GLY D 180 -4.32 20.63 -24.50
C GLY D 180 -3.36 21.62 -25.13
N HIS D 181 -2.10 21.20 -25.33
CA HIS D 181 -1.13 22.05 -26.01
C HIS D 181 -1.51 22.24 -27.48
N LEU D 182 -2.13 21.23 -28.09
CA LEU D 182 -2.62 21.35 -29.46
C LEU D 182 -3.69 22.45 -29.57
N TYR D 183 -4.67 22.43 -28.67
CA TYR D 183 -5.70 23.46 -28.70
C TYR D 183 -5.14 24.83 -28.35
N PHE D 184 -4.16 24.87 -27.42
CA PHE D 184 -3.55 26.14 -27.04
C PHE D 184 -2.79 26.75 -28.21
N PHE D 185 -2.09 25.92 -28.98
CA PHE D 185 -1.38 26.40 -30.15
C PHE D 185 -2.35 26.88 -31.23
N LEU D 186 -3.41 26.11 -31.48
CA LEU D 186 -4.33 26.47 -32.55
C LEU D 186 -5.23 27.64 -32.15
N MET D 187 -5.29 27.95 -30.86
CA MET D 187 -6.04 29.13 -30.43
C MET D 187 -5.15 30.37 -30.41
N PHE D 188 -3.98 30.27 -29.79
CA PHE D 188 -3.15 31.45 -29.59
C PHE D 188 -2.41 31.85 -30.86
N ARG D 189 -1.89 30.87 -31.60
CA ARG D 189 -1.01 31.19 -32.71
C ARG D 189 -1.78 31.64 -33.94
N TYR D 190 -2.84 30.91 -34.31
CA TYR D 190 -3.47 31.16 -35.60
C TYR D 190 -4.97 31.42 -35.44
N PRO D 191 -5.54 32.29 -36.28
CA PRO D 191 -7.00 32.50 -36.27
C PRO D 191 -7.77 31.43 -37.03
N MET D 192 -9.07 31.68 -37.23
CA MET D 192 -10.06 30.87 -37.95
C MET D 192 -10.39 29.57 -37.23
N ASP D 193 -10.14 29.47 -35.93
CA ASP D 193 -10.65 28.36 -35.13
C ASP D 193 -11.92 28.81 -34.40
N LEU D 194 -12.93 29.13 -35.20
CA LEU D 194 -14.16 29.70 -34.69
C LEU D 194 -15.29 28.68 -34.70
N GLY D 195 -16.33 28.97 -33.92
CA GLY D 195 -17.48 28.09 -33.81
C GLY D 195 -18.41 28.16 -35.00
N GLY D 196 -19.60 27.62 -34.81
CA GLY D 196 -20.56 27.54 -35.90
C GLY D 196 -21.94 28.02 -35.53
N ARG D 197 -22.96 27.26 -35.94
CA ARG D 197 -24.36 27.61 -35.71
C ARG D 197 -24.80 27.24 -34.30
N ASN D 198 -26.13 27.29 -34.08
CA ASN D 198 -26.79 26.95 -32.81
C ASN D 198 -26.29 27.84 -31.67
N PHE D 199 -26.04 29.10 -31.95
CA PHE D 199 -25.63 30.04 -30.92
C PHE D 199 -26.81 30.38 -30.01
N LEU D 200 -26.58 30.26 -28.70
CA LEU D 200 -27.62 30.56 -27.71
C LEU D 200 -26.91 31.15 -26.48
N SER D 201 -26.87 32.48 -26.44
CA SER D 201 -26.19 33.19 -25.35
C SER D 201 -26.80 34.56 -25.13
#